data_4GJC
#
_entry.id   4GJC
#
_cell.length_a   141.734
_cell.length_b   141.734
_cell.length_c   141.734
_cell.angle_alpha   90.00
_cell.angle_beta   90.00
_cell.angle_gamma   90.00
#
_symmetry.space_group_name_H-M   'P 21 3'
#
loop_
_entity.id
_entity.type
_entity.pdbx_description
1 polymer Renin
2 non-polymer 2-acetamido-2-deoxy-beta-D-glucopyranose
3 non-polymer (3S,5R)-5-{[(4-methylphenyl)sulfonyl]amino}-N-(9H-xanthen-9-ylmethyl)piperidine-3-carboxamide
4 non-polymer 'SULFATE ION'
5 water water
#
_entity_poly.entity_id   1
_entity_poly.type   'polypeptide(L)'
_entity_poly.pdbx_seq_one_letter_code
;LTLGNTTSSVILTNYMDTQYYGEIGIGTPPQTFKVVFDTGSSNVWVPSSKCSRLYTACVYHKLFDASDSSSYKHNGTELT
LRYSTGTVSGFLSQDIITVGGITVTQMFGEVTEMPALPFMLAEFDGVVGMGFIEQAIGRVTPIFDNIISQGVLKEDVFSF
YYNRDSENSQSLGGQIVLGGSDPQHYEGNFHYINLIKTGVWQIQMKGVSVGSSTLLCEDGCLALVDTGASYISGSTSSIE
KLMEALGAKKRLFDYVVKCNEGPTLPDISFHLGGKEYTLTSADYVFQESYSSKKLCTLAIHAMDIPPPTGPTWALGATFI
RKFYTEFDRRNNRIGFALAR
;
_entity_poly.pdbx_strand_id   A,B
#
loop_
_chem_comp.id
_chem_comp.type
_chem_comp.name
_chem_comp.formula
0MJ non-polymer (3S,5R)-5-{[(4-methylphenyl)sulfonyl]amino}-N-(9H-xanthen-9-ylmethyl)piperidine-3-carboxamide 'C27 H29 N3 O4 S'
NAG D-saccharide, beta linking 2-acetamido-2-deoxy-beta-D-glucopyranose 'C8 H15 N O6'
SO4 non-polymer 'SULFATE ION' 'O4 S -2'
#
# COMPACT_ATOMS: atom_id res chain seq x y z
N LEU A 1 4.95 12.28 -36.64
CA LEU A 1 4.17 11.98 -35.45
C LEU A 1 2.80 12.69 -35.46
N THR A 2 1.72 11.90 -35.29
CA THR A 2 0.33 12.37 -35.25
C THR A 2 -0.28 12.06 -33.88
N LEU A 3 -1.03 13.03 -33.32
CA LEU A 3 -1.72 12.87 -32.03
C LEU A 3 -3.24 13.03 -32.23
N GLY A 4 -4.01 12.21 -31.52
CA GLY A 4 -5.46 12.24 -31.55
C GLY A 4 -6.00 12.71 -30.22
N ASN A 5 -7.07 12.06 -29.74
CA ASN A 5 -7.69 12.38 -28.44
C ASN A 5 -7.86 11.13 -27.57
N THR A 6 -7.86 9.96 -28.21
CA THR A 6 -8.02 8.64 -27.60
C THR A 6 -7.03 8.30 -26.44
N THR A 7 -7.59 7.87 -25.31
CA THR A 7 -6.85 7.24 -24.22
C THR A 7 -7.49 5.87 -24.16
N SER A 8 -6.66 4.85 -24.05
CA SER A 8 -7.14 3.48 -23.98
C SER A 8 -6.54 2.82 -22.77
N SER A 9 -7.25 1.92 -22.15
CA SER A 9 -6.77 1.27 -20.94
C SER A 9 -6.87 -0.25 -20.99
N VAL A 10 -5.91 -0.93 -20.35
CA VAL A 10 -5.90 -2.39 -20.25
C VAL A 10 -5.95 -2.76 -18.77
N ILE A 11 -6.98 -3.52 -18.38
CA ILE A 11 -7.16 -3.99 -17.00
C ILE A 11 -6.17 -5.14 -16.79
N LEU A 12 -5.43 -5.10 -15.68
CA LEU A 12 -4.50 -6.17 -15.37
C LEU A 12 -4.97 -7.03 -14.20
N THR A 13 -4.53 -8.27 -14.19
CA THR A 13 -4.78 -9.24 -13.12
C THR A 13 -3.51 -9.33 -12.30
N ASN A 14 -3.64 -9.22 -11.01
CA ASN A 14 -2.49 -9.35 -10.13
C ASN A 14 -2.44 -10.78 -9.58
N TYR A 15 -1.41 -11.51 -9.98
CA TYR A 15 -1.13 -12.84 -9.47
C TYR A 15 0.01 -12.77 -8.43
N MET A 16 -0.33 -12.98 -7.14
CA MET A 16 0.59 -13.06 -5.99
C MET A 16 1.56 -11.88 -5.82
N ASP A 17 1.25 -10.67 -6.35
CA ASP A 17 2.16 -9.50 -6.32
C ASP A 17 3.44 -9.72 -7.15
N THR A 18 3.49 -10.78 -8.00
CA THR A 18 4.67 -11.05 -8.82
C THR A 18 4.39 -11.00 -10.31
N GLN A 19 3.13 -11.27 -10.72
CA GLN A 19 2.77 -11.28 -12.14
C GLN A 19 1.53 -10.44 -12.37
N TYR A 20 1.63 -9.45 -13.28
CA TYR A 20 0.58 -8.52 -13.65
C TYR A 20 0.40 -8.68 -15.12
N TYR A 21 -0.76 -9.20 -15.50
CA TYR A 21 -1.02 -9.50 -16.89
C TYR A 21 -2.42 -9.05 -17.32
N GLY A 22 -2.53 -8.68 -18.58
CA GLY A 22 -3.78 -8.28 -19.22
C GLY A 22 -4.01 -9.18 -20.42
N GLU A 23 -5.05 -8.86 -21.18
CA GLU A 23 -5.41 -9.64 -22.36
C GLU A 23 -5.19 -8.90 -23.64
N ILE A 24 -4.78 -9.66 -24.65
CA ILE A 24 -4.66 -9.21 -26.04
C ILE A 24 -5.34 -10.28 -26.89
N GLY A 25 -5.85 -9.85 -28.04
CA GLY A 25 -6.44 -10.74 -29.03
C GLY A 25 -5.56 -10.75 -30.26
N ILE A 26 -5.22 -11.93 -30.75
CA ILE A 26 -4.39 -12.06 -31.97
C ILE A 26 -5.16 -12.85 -33.02
N GLY A 27 -5.22 -12.29 -34.23
CA GLY A 27 -5.86 -12.92 -35.38
C GLY A 27 -7.32 -12.60 -35.65
N THR A 28 -7.86 -13.23 -36.71
CA THR A 28 -9.25 -13.14 -37.17
C THR A 28 -9.82 -14.54 -37.33
N PRO A 29 -10.76 -14.98 -36.45
CA PRO A 29 -11.28 -14.25 -35.26
C PRO A 29 -10.19 -14.18 -34.17
N PRO A 30 -10.30 -13.29 -33.15
CA PRO A 30 -9.21 -13.21 -32.14
C PRO A 30 -9.01 -14.43 -31.27
N GLN A 31 -7.74 -14.78 -31.05
CA GLN A 31 -7.29 -15.81 -30.13
C GLN A 31 -6.73 -14.98 -28.98
N THR A 32 -7.27 -15.17 -27.77
CA THR A 32 -6.89 -14.38 -26.60
C THR A 32 -5.72 -14.93 -25.83
N PHE A 33 -4.85 -14.02 -25.36
CA PHE A 33 -3.66 -14.40 -24.59
C PHE A 33 -3.54 -13.50 -23.40
N LYS A 34 -3.04 -14.09 -22.31
CA LYS A 34 -2.71 -13.41 -21.08
C LYS A 34 -1.26 -12.98 -21.28
N VAL A 35 -1.00 -11.67 -21.25
CA VAL A 35 0.34 -11.13 -21.49
C VAL A 35 0.83 -10.17 -20.41
N VAL A 36 2.14 -10.18 -20.18
CA VAL A 36 2.84 -9.25 -19.30
C VAL A 36 3.31 -8.06 -20.20
N PHE A 37 3.07 -6.81 -19.75
CA PHE A 37 3.50 -5.62 -20.51
C PHE A 37 4.81 -5.17 -19.89
N ASP A 38 5.90 -5.43 -20.61
CA ASP A 38 7.30 -5.30 -20.15
C ASP A 38 8.08 -4.11 -20.73
N THR A 39 8.43 -3.11 -19.89
CA THR A 39 9.21 -1.93 -20.31
C THR A 39 10.69 -2.25 -20.53
N GLY A 40 11.14 -3.36 -19.99
CA GLY A 40 12.50 -3.84 -20.14
C GLY A 40 12.80 -4.65 -21.39
N SER A 41 11.84 -4.81 -22.30
CA SER A 41 12.03 -5.57 -23.56
C SER A 41 11.15 -4.96 -24.64
N SER A 42 11.34 -5.30 -25.91
CA SER A 42 10.61 -4.66 -27.00
C SER A 42 9.93 -5.59 -28.00
N ASN A 43 9.97 -6.90 -27.75
CA ASN A 43 9.33 -7.86 -28.64
C ASN A 43 8.01 -8.35 -28.06
N VAL A 44 7.08 -8.69 -28.95
CA VAL A 44 5.79 -9.31 -28.67
C VAL A 44 6.03 -10.79 -29.00
N TRP A 45 5.60 -11.67 -28.10
CA TRP A 45 5.66 -13.12 -28.30
C TRP A 45 4.53 -13.81 -27.52
N VAL A 46 4.08 -14.94 -28.05
CA VAL A 46 3.07 -15.84 -27.47
C VAL A 46 3.51 -17.27 -27.81
N PRO A 47 3.08 -18.30 -27.03
CA PRO A 47 3.42 -19.68 -27.43
C PRO A 47 2.73 -20.05 -28.75
N SER A 48 3.38 -20.88 -29.58
CA SER A 48 2.91 -21.30 -30.89
C SER A 48 2.25 -22.67 -30.86
N SER A 49 1.26 -22.91 -31.75
CA SER A 49 0.65 -24.23 -31.92
C SER A 49 1.73 -25.21 -32.50
N LYS A 50 2.78 -24.64 -33.12
CA LYS A 50 3.92 -25.39 -33.65
C LYS A 50 4.93 -25.79 -32.55
N CYS A 51 4.65 -25.43 -31.29
CA CYS A 51 5.47 -25.83 -30.14
C CYS A 51 5.22 -27.30 -29.81
N SER A 52 6.28 -28.13 -29.91
CA SER A 52 6.25 -29.56 -29.60
C SER A 52 5.77 -29.78 -28.16
N ARG A 53 4.77 -30.67 -27.98
CA ARG A 53 4.14 -30.99 -26.68
C ARG A 53 5.05 -31.65 -25.63
N LEU A 54 6.33 -31.87 -25.99
CA LEU A 54 7.39 -32.37 -25.12
C LEU A 54 7.89 -31.19 -24.24
N TYR A 55 7.59 -29.92 -24.70
CA TYR A 55 7.70 -28.69 -23.92
C TYR A 55 6.37 -28.64 -23.16
N THR A 56 6.40 -29.08 -21.88
CA THR A 56 5.26 -29.11 -20.95
C THR A 56 4.62 -27.72 -20.73
N ALA A 57 5.45 -26.61 -20.78
CA ALA A 57 4.95 -25.22 -20.69
C ALA A 57 3.94 -24.96 -21.81
N CYS A 58 4.18 -25.56 -23.00
CA CYS A 58 3.26 -25.47 -24.13
C CYS A 58 1.97 -26.26 -23.98
N VAL A 59 1.96 -27.27 -23.10
CA VAL A 59 0.74 -28.03 -22.79
C VAL A 59 -0.12 -27.15 -21.86
N TYR A 60 0.51 -26.36 -20.98
CA TYR A 60 -0.11 -25.52 -19.95
C TYR A 60 -0.43 -24.07 -20.32
N HIS A 61 -0.25 -23.70 -21.58
CA HIS A 61 -0.52 -22.37 -22.02
C HIS A 61 -1.34 -22.34 -23.31
N LYS A 62 -1.97 -21.17 -23.55
CA LYS A 62 -2.72 -20.90 -24.75
C LYS A 62 -1.68 -20.80 -25.91
N LEU A 63 -1.97 -21.46 -27.04
CA LEU A 63 -1.07 -21.49 -28.19
C LEU A 63 -1.68 -20.81 -29.40
N PHE A 64 -0.92 -19.96 -30.08
CA PHE A 64 -1.40 -19.30 -31.28
C PHE A 64 -1.36 -20.25 -32.46
N ASP A 65 -2.51 -20.40 -33.13
CA ASP A 65 -2.67 -21.22 -34.33
C ASP A 65 -2.93 -20.29 -35.53
N ALA A 66 -1.92 -20.17 -36.40
CA ALA A 66 -1.98 -19.31 -37.60
C ALA A 66 -3.02 -19.82 -38.61
N SER A 67 -3.19 -21.16 -38.67
CA SER A 67 -4.13 -21.90 -39.52
C SER A 67 -5.60 -21.58 -39.19
N ASP A 68 -5.86 -20.87 -38.09
CA ASP A 68 -7.20 -20.47 -37.69
C ASP A 68 -7.39 -18.99 -37.86
N SER A 69 -6.39 -18.29 -38.38
CA SER A 69 -6.45 -16.84 -38.58
C SER A 69 -6.43 -16.46 -40.06
N SER A 70 -7.44 -15.70 -40.48
CA SER A 70 -7.56 -15.25 -41.86
C SER A 70 -6.73 -14.00 -42.17
N SER A 71 -6.29 -13.26 -41.11
CA SER A 71 -5.50 -12.04 -41.24
C SER A 71 -3.97 -12.26 -41.09
N TYR A 72 -3.58 -13.51 -40.86
CA TYR A 72 -2.20 -13.92 -40.67
C TYR A 72 -1.36 -13.72 -41.92
N LYS A 73 -0.14 -13.20 -41.73
CA LYS A 73 0.85 -13.03 -42.80
C LYS A 73 2.13 -13.72 -42.32
N HIS A 74 2.58 -14.70 -43.07
CA HIS A 74 3.76 -15.49 -42.78
C HIS A 74 5.05 -14.65 -42.87
N ASN A 75 6.02 -14.95 -41.99
CA ASN A 75 7.35 -14.36 -42.05
C ASN A 75 8.38 -15.47 -41.95
N GLY A 76 8.42 -16.18 -40.83
CA GLY A 76 9.26 -17.35 -40.68
C GLY A 76 10.66 -17.13 -40.15
N THR A 77 11.10 -15.87 -40.02
CA THR A 77 12.41 -15.52 -39.48
C THR A 77 12.55 -16.03 -38.03
N GLU A 78 13.64 -16.73 -37.76
CA GLU A 78 13.95 -17.29 -36.45
C GLU A 78 14.46 -16.22 -35.53
N LEU A 79 14.09 -16.31 -34.24
CA LEU A 79 14.49 -15.37 -33.22
C LEU A 79 14.55 -16.01 -31.87
N THR A 80 15.50 -15.53 -31.03
CA THR A 80 15.73 -15.99 -29.68
C THR A 80 15.57 -14.78 -28.78
N LEU A 81 14.82 -14.94 -27.68
CA LEU A 81 14.53 -13.90 -26.69
C LEU A 81 14.99 -14.38 -25.33
N ARG A 82 15.92 -13.62 -24.74
CA ARG A 82 16.57 -13.95 -23.47
C ARG A 82 16.10 -13.03 -22.38
N TYR A 83 15.59 -13.64 -21.30
CA TYR A 83 15.10 -12.90 -20.14
C TYR A 83 15.96 -13.28 -18.95
N SER A 84 15.66 -12.75 -17.80
CA SER A 84 16.48 -12.98 -16.62
C SER A 84 16.35 -14.39 -16.03
N THR A 85 15.12 -14.94 -16.09
CA THR A 85 14.72 -16.25 -15.57
C THR A 85 14.84 -17.38 -16.61
N GLY A 86 14.91 -17.01 -17.89
CA GLY A 86 14.97 -17.99 -18.96
C GLY A 86 14.86 -17.43 -20.37
N THR A 87 14.90 -18.34 -21.36
CA THR A 87 14.95 -18.04 -22.78
C THR A 87 13.84 -18.73 -23.58
N VAL A 88 13.36 -18.04 -24.62
CA VAL A 88 12.35 -18.56 -25.54
C VAL A 88 12.87 -18.40 -26.95
N SER A 89 12.50 -19.35 -27.82
CA SER A 89 12.83 -19.24 -29.24
C SER A 89 11.66 -19.67 -30.12
N GLY A 90 11.64 -19.13 -31.32
CA GLY A 90 10.64 -19.43 -32.31
C GLY A 90 10.92 -18.70 -33.59
N PHE A 91 9.86 -18.19 -34.22
CA PHE A 91 9.94 -17.51 -35.51
C PHE A 91 8.93 -16.36 -35.54
N LEU A 92 9.15 -15.39 -36.44
CA LEU A 92 8.28 -14.24 -36.59
C LEU A 92 7.05 -14.49 -37.47
N SER A 93 5.93 -13.87 -37.08
CA SER A 93 4.65 -13.90 -37.78
C SER A 93 4.04 -12.53 -37.71
N GLN A 94 3.10 -12.26 -38.59
CA GLN A 94 2.38 -11.00 -38.55
C GLN A 94 0.88 -11.30 -38.50
N ASP A 95 0.17 -10.50 -37.71
CA ASP A 95 -1.30 -10.58 -37.60
C ASP A 95 -1.79 -9.34 -36.92
N ILE A 96 -3.11 -9.21 -36.85
CA ILE A 96 -3.77 -8.10 -36.16
C ILE A 96 -3.82 -8.43 -34.67
N ILE A 97 -3.39 -7.45 -33.85
CA ILE A 97 -3.43 -7.54 -32.38
C ILE A 97 -4.41 -6.47 -31.83
N THR A 98 -5.29 -6.87 -30.92
CA THR A 98 -6.15 -5.93 -30.24
C THR A 98 -5.68 -5.89 -28.78
N VAL A 99 -5.46 -4.68 -28.29
CA VAL A 99 -4.97 -4.32 -26.96
C VAL A 99 -5.73 -3.04 -26.56
N GLY A 100 -6.53 -3.14 -25.51
CA GLY A 100 -7.37 -2.03 -25.04
C GLY A 100 -8.34 -1.47 -26.07
N GLY A 101 -8.82 -2.29 -26.98
CA GLY A 101 -9.72 -1.77 -28.00
C GLY A 101 -9.03 -1.02 -29.13
N ILE A 102 -7.66 -1.08 -29.19
CA ILE A 102 -6.85 -0.52 -30.28
C ILE A 102 -6.41 -1.72 -31.11
N THR A 103 -6.74 -1.72 -32.40
CA THR A 103 -6.40 -2.79 -33.34
C THR A 103 -5.14 -2.35 -34.08
N VAL A 104 -4.13 -3.19 -34.07
CA VAL A 104 -2.87 -2.85 -34.75
C VAL A 104 -2.28 -4.07 -35.48
N THR A 105 -1.73 -3.86 -36.68
CA THR A 105 -1.04 -4.92 -37.42
C THR A 105 0.36 -4.98 -36.78
N GLN A 106 0.72 -6.15 -36.24
CA GLN A 106 1.95 -6.33 -35.48
C GLN A 106 2.76 -7.57 -35.86
N MET A 107 4.08 -7.42 -35.90
CA MET A 107 5.01 -8.51 -36.12
C MET A 107 5.35 -9.03 -34.73
N PHE A 108 5.19 -10.33 -34.54
CA PHE A 108 5.38 -10.92 -33.22
C PHE A 108 6.03 -12.28 -33.37
N GLY A 109 6.60 -12.78 -32.29
CA GLY A 109 7.22 -14.10 -32.28
C GLY A 109 6.26 -15.20 -31.83
N GLU A 110 6.26 -16.31 -32.57
CA GLU A 110 5.50 -17.52 -32.29
C GLU A 110 6.54 -18.45 -31.62
N VAL A 111 6.42 -18.64 -30.29
CA VAL A 111 7.39 -19.44 -29.53
C VAL A 111 7.18 -20.96 -29.65
N THR A 112 8.22 -21.66 -30.11
CA THR A 112 8.21 -23.12 -30.34
C THR A 112 9.09 -23.85 -29.32
N GLU A 113 9.88 -23.09 -28.55
CA GLU A 113 10.75 -23.64 -27.49
C GLU A 113 10.55 -22.80 -26.25
N MET A 114 9.86 -23.39 -25.26
CA MET A 114 9.45 -22.75 -24.01
C MET A 114 9.80 -23.67 -22.80
N PRO A 115 10.96 -23.44 -22.13
CA PRO A 115 11.34 -24.32 -20.99
C PRO A 115 10.41 -24.25 -19.78
N ALA A 116 10.09 -25.44 -19.23
CA ALA A 116 9.27 -25.67 -18.04
C ALA A 116 9.74 -24.80 -16.88
N LEU A 117 11.06 -24.56 -16.76
CA LEU A 117 11.61 -23.65 -15.78
C LEU A 117 12.16 -22.46 -16.58
N PRO A 118 11.52 -21.26 -16.50
CA PRO A 118 10.46 -20.87 -15.54
C PRO A 118 9.00 -20.90 -16.04
N PHE A 119 8.76 -21.15 -17.34
CA PHE A 119 7.44 -21.01 -17.92
C PHE A 119 6.24 -21.78 -17.36
N MET A 120 6.48 -22.83 -16.57
CA MET A 120 5.43 -23.57 -15.88
C MET A 120 4.88 -22.72 -14.70
N LEU A 121 5.71 -21.75 -14.18
CA LEU A 121 5.41 -20.83 -13.06
C LEU A 121 4.66 -19.60 -13.55
N ALA A 122 4.60 -19.43 -14.87
CA ALA A 122 3.97 -18.30 -15.52
C ALA A 122 2.46 -18.48 -15.64
N GLU A 123 1.70 -17.58 -15.05
CA GLU A 123 0.24 -17.50 -15.15
C GLU A 123 -0.11 -16.92 -16.54
N PHE A 124 0.75 -16.03 -17.05
CA PHE A 124 0.62 -15.39 -18.36
C PHE A 124 1.11 -16.36 -19.45
N ASP A 125 0.67 -16.14 -20.71
CA ASP A 125 1.08 -16.94 -21.87
C ASP A 125 2.28 -16.33 -22.55
N GLY A 126 2.22 -15.02 -22.78
CA GLY A 126 3.28 -14.33 -23.49
C GLY A 126 3.65 -12.97 -22.95
N VAL A 127 4.38 -12.21 -23.77
CA VAL A 127 4.92 -10.91 -23.38
C VAL A 127 4.67 -9.87 -24.43
N VAL A 128 4.37 -8.65 -24.01
CA VAL A 128 4.22 -7.49 -24.88
C VAL A 128 5.30 -6.49 -24.45
N GLY A 129 6.37 -6.41 -25.26
CA GLY A 129 7.47 -5.49 -25.01
C GLY A 129 7.07 -4.05 -25.19
N MET A 130 7.28 -3.25 -24.13
CA MET A 130 6.93 -1.82 -24.10
C MET A 130 8.18 -0.91 -24.22
N GLY A 131 9.32 -1.52 -24.52
CA GLY A 131 10.58 -0.83 -24.74
C GLY A 131 10.71 -0.22 -26.13
N PHE A 132 11.92 0.27 -26.47
CA PHE A 132 12.22 0.93 -27.74
C PHE A 132 12.74 -0.05 -28.80
N ILE A 133 12.62 0.32 -30.09
CA ILE A 133 13.12 -0.46 -31.24
C ILE A 133 14.63 -0.86 -31.13
N GLU A 134 15.43 -0.01 -30.45
CA GLU A 134 16.86 -0.25 -30.19
C GLU A 134 17.10 -1.56 -29.42
N GLN A 135 16.12 -2.01 -28.58
CA GLN A 135 16.21 -3.25 -27.79
C GLN A 135 15.51 -4.42 -28.50
N ALA A 136 14.77 -4.13 -29.59
CA ALA A 136 14.01 -5.15 -30.31
C ALA A 136 14.89 -6.11 -31.10
N ILE A 137 14.74 -7.41 -30.85
CA ILE A 137 15.47 -8.50 -31.51
C ILE A 137 14.88 -8.64 -32.90
N GLY A 138 15.75 -8.65 -33.91
CA GLY A 138 15.37 -8.70 -35.31
C GLY A 138 14.90 -7.35 -35.84
N ARG A 139 15.17 -6.27 -35.06
CA ARG A 139 14.77 -4.88 -35.36
C ARG A 139 13.27 -4.77 -35.72
N VAL A 140 12.42 -5.56 -35.04
CA VAL A 140 10.97 -5.58 -35.24
C VAL A 140 10.36 -4.32 -34.62
N THR A 141 9.46 -3.65 -35.34
CA THR A 141 8.81 -2.45 -34.81
C THR A 141 7.96 -2.83 -33.56
N PRO A 142 8.20 -2.19 -32.40
CA PRO A 142 7.42 -2.53 -31.21
C PRO A 142 5.99 -2.03 -31.33
N ILE A 143 5.05 -2.70 -30.61
CA ILE A 143 3.61 -2.39 -30.63
C ILE A 143 3.28 -0.94 -30.33
N PHE A 144 3.98 -0.29 -29.37
CA PHE A 144 3.69 1.10 -29.04
C PHE A 144 4.08 2.04 -30.18
N ASP A 145 5.16 1.73 -30.92
CA ASP A 145 5.55 2.52 -32.10
C ASP A 145 4.49 2.37 -33.18
N ASN A 146 3.93 1.17 -33.34
CA ASN A 146 2.85 0.91 -34.29
C ASN A 146 1.56 1.62 -33.91
N ILE A 147 1.26 1.71 -32.59
CA ILE A 147 0.07 2.41 -32.08
C ILE A 147 0.23 3.95 -32.27
N ILE A 148 1.45 4.51 -32.00
CA ILE A 148 1.78 5.92 -32.22
C ILE A 148 1.56 6.24 -33.72
N SER A 149 2.10 5.39 -34.64
CA SER A 149 1.94 5.54 -36.10
C SER A 149 0.49 5.79 -36.55
N GLN A 150 -0.49 5.21 -35.83
CA GLN A 150 -1.92 5.36 -36.12
C GLN A 150 -2.47 6.76 -35.86
N GLY A 151 -1.76 7.56 -35.06
CA GLY A 151 -2.15 8.92 -34.72
C GLY A 151 -3.48 9.09 -34.00
N VAL A 152 -3.87 8.07 -33.20
CA VAL A 152 -5.10 8.04 -32.42
C VAL A 152 -4.92 8.53 -30.97
N LEU A 153 -3.74 8.29 -30.35
CA LEU A 153 -3.46 8.63 -28.96
C LEU A 153 -3.40 10.13 -28.69
N LYS A 154 -3.92 10.58 -27.52
CA LYS A 154 -3.92 11.99 -27.08
C LYS A 154 -2.47 12.45 -26.87
N GLU A 155 -1.63 11.61 -26.26
CA GLU A 155 -0.20 11.86 -26.05
C GLU A 155 0.65 10.58 -26.23
N ASP A 156 1.95 10.76 -26.55
CA ASP A 156 2.90 9.65 -26.77
C ASP A 156 3.43 9.15 -25.43
N VAL A 157 2.49 8.73 -24.56
CA VAL A 157 2.82 8.21 -23.23
C VAL A 157 1.97 6.97 -22.89
N PHE A 158 2.46 6.20 -21.94
CA PHE A 158 1.71 5.08 -21.37
C PHE A 158 2.01 5.04 -19.87
N SER A 159 1.02 4.65 -19.05
CA SER A 159 1.12 4.67 -17.61
C SER A 159 0.79 3.34 -16.96
N PHE A 160 1.50 3.04 -15.85
CA PHE A 160 1.36 1.81 -15.09
C PHE A 160 0.86 2.01 -13.71
N TYR A 161 -0.18 1.25 -13.39
CA TYR A 161 -0.72 1.14 -12.06
C TYR A 161 -0.70 -0.33 -11.68
N TYR A 162 0.01 -0.70 -10.59
CA TYR A 162 0.04 -2.07 -10.06
C TYR A 162 -0.53 -2.02 -8.66
N ASN A 163 -1.62 -2.71 -8.41
CA ASN A 163 -2.21 -2.73 -7.07
C ASN A 163 -1.52 -3.77 -6.16
N ARG A 164 -1.81 -3.69 -4.84
CA ARG A 164 -1.39 -4.63 -3.79
C ARG A 164 -2.39 -5.78 -3.82
N ASP A 165 -1.92 -7.04 -3.80
CA ASP A 165 -2.81 -8.22 -3.93
C ASP A 165 -4.04 -8.29 -3.06
N SER A 166 -5.17 -8.73 -3.65
CA SER A 166 -6.48 -8.89 -3.01
C SER A 166 -7.14 -10.18 -3.50
N GLN A 170 -11.32 -9.16 -4.45
CA GLN A 170 -11.82 -9.11 -5.82
C GLN A 170 -11.95 -7.65 -6.34
N SER A 171 -10.78 -6.98 -6.38
CA SER A 171 -10.52 -5.60 -6.83
C SER A 171 -9.67 -5.58 -8.14
N LEU A 172 -9.29 -4.38 -8.58
CA LEU A 172 -8.47 -4.16 -9.77
C LEU A 172 -7.02 -4.60 -9.49
N GLY A 173 -6.49 -5.55 -10.28
CA GLY A 173 -5.11 -6.02 -10.13
C GLY A 173 -4.09 -4.96 -10.51
N GLY A 174 -4.45 -4.17 -11.52
CA GLY A 174 -3.63 -3.09 -12.03
C GLY A 174 -4.24 -2.51 -13.29
N GLN A 175 -3.55 -1.56 -13.90
CA GLN A 175 -4.06 -0.90 -15.10
C GLN A 175 -2.96 -0.22 -15.88
N ILE A 176 -3.01 -0.37 -17.22
CA ILE A 176 -2.15 0.31 -18.18
C ILE A 176 -3.01 1.30 -18.95
N VAL A 177 -2.60 2.57 -18.98
CA VAL A 177 -3.27 3.59 -19.79
C VAL A 177 -2.34 3.90 -20.97
N LEU A 178 -2.85 3.74 -22.18
CA LEU A 178 -2.20 4.05 -23.45
C LEU A 178 -2.67 5.44 -23.86
N GLY A 179 -1.75 6.37 -23.97
CA GLY A 179 -2.03 7.75 -24.38
C GLY A 179 -2.30 8.74 -23.29
N GLY A 180 -1.96 8.37 -22.05
CA GLY A 180 -2.15 9.21 -20.88
C GLY A 180 -1.90 8.52 -19.55
N SER A 181 -2.54 9.06 -18.49
CA SER A 181 -2.48 8.59 -17.10
C SER A 181 -3.89 8.62 -16.49
N ASP A 182 -4.11 7.84 -15.41
CA ASP A 182 -5.39 7.81 -14.73
C ASP A 182 -5.25 8.49 -13.35
N PRO A 183 -5.82 9.72 -13.19
CA PRO A 183 -5.69 10.44 -11.91
C PRO A 183 -6.33 9.75 -10.71
N GLN A 184 -7.26 8.80 -10.94
CA GLN A 184 -7.88 7.98 -9.88
C GLN A 184 -6.84 7.09 -9.17
N HIS A 185 -5.70 6.78 -9.85
CA HIS A 185 -4.69 5.87 -9.31
C HIS A 185 -3.41 6.49 -8.74
N TYR A 186 -3.32 7.83 -8.74
CA TYR A 186 -2.20 8.54 -8.14
C TYR A 186 -2.65 9.81 -7.46
N GLU A 187 -1.78 10.38 -6.65
CA GLU A 187 -2.08 11.63 -6.00
C GLU A 187 -0.86 12.46 -5.96
N GLY A 188 -1.06 13.76 -5.84
CA GLY A 188 0.01 14.73 -5.96
C GLY A 188 0.32 14.87 -7.44
N ASN A 189 1.53 15.33 -7.72
CA ASN A 189 1.92 15.53 -9.11
C ASN A 189 3.12 14.69 -9.46
N PHE A 190 3.26 14.42 -10.76
CA PHE A 190 4.37 13.67 -11.29
C PHE A 190 5.65 14.49 -11.17
N HIS A 191 6.73 13.79 -10.86
CA HIS A 191 8.11 14.27 -10.80
C HIS A 191 8.82 13.46 -11.89
N TYR A 192 9.36 14.14 -12.92
CA TYR A 192 9.99 13.48 -14.05
C TYR A 192 11.49 13.39 -13.92
N ILE A 193 12.05 12.31 -14.45
CA ILE A 193 13.47 12.03 -14.52
C ILE A 193 13.70 11.71 -15.98
N ASN A 194 14.62 12.45 -16.62
CA ASN A 194 14.94 12.23 -18.03
C ASN A 194 15.72 10.96 -18.21
N LEU A 195 15.51 10.31 -19.37
CA LEU A 195 16.26 9.11 -19.71
C LEU A 195 17.70 9.52 -19.97
N ILE A 196 18.65 8.67 -19.56
CA ILE A 196 20.07 8.88 -19.83
C ILE A 196 20.26 9.02 -21.35
N LYS A 197 19.61 8.12 -22.12
CA LYS A 197 19.58 8.11 -23.58
C LYS A 197 18.32 7.46 -24.07
N THR A 198 17.88 7.82 -25.28
CA THR A 198 16.73 7.17 -25.93
C THR A 198 17.11 5.69 -26.19
N GLY A 199 16.11 4.81 -26.32
CA GLY A 199 16.40 3.42 -26.59
C GLY A 199 16.24 2.45 -25.44
N VAL A 200 16.21 2.96 -24.17
CA VAL A 200 16.09 2.16 -22.94
C VAL A 200 15.37 2.97 -21.84
N TRP A 201 14.42 2.36 -21.10
CA TRP A 201 13.71 3.06 -20.00
C TRP A 201 14.59 3.00 -18.77
N GLN A 202 15.71 3.71 -18.85
CA GLN A 202 16.75 3.71 -17.84
C GLN A 202 17.13 5.14 -17.47
N ILE A 203 17.17 5.39 -16.16
CA ILE A 203 17.44 6.70 -15.61
C ILE A 203 18.63 6.64 -14.66
N GLN A 204 19.20 7.84 -14.35
CA GLN A 204 20.29 7.95 -13.39
C GLN A 204 19.74 7.81 -11.98
N MET A 205 20.45 7.07 -11.12
CA MET A 205 20.10 6.94 -9.70
C MET A 205 21.26 7.56 -8.88
N LYS A 206 20.93 8.48 -7.98
CA LYS A 206 21.94 9.23 -7.22
C LYS A 206 22.31 8.67 -5.85
N GLY A 207 21.76 7.50 -5.47
CA GLY A 207 22.06 6.87 -4.19
C GLY A 207 20.95 6.01 -3.62
N VAL A 208 21.33 4.96 -2.87
CA VAL A 208 20.40 4.03 -2.20
C VAL A 208 20.67 4.08 -0.68
N SER A 209 19.65 4.47 0.09
CA SER A 209 19.75 4.57 1.55
C SER A 209 19.01 3.45 2.26
N VAL A 210 19.61 2.94 3.35
CA VAL A 210 19.07 1.93 4.27
C VAL A 210 18.96 2.69 5.61
N GLY A 211 17.75 3.15 5.90
CA GLY A 211 17.48 4.00 7.05
C GLY A 211 17.74 5.44 6.67
N SER A 212 18.64 6.10 7.42
CA SER A 212 19.02 7.51 7.21
C SER A 212 20.29 7.66 6.36
N SER A 213 21.20 6.66 6.46
CA SER A 213 22.50 6.64 5.79
C SER A 213 22.49 6.09 4.37
N THR A 214 23.08 6.86 3.42
CA THR A 214 23.22 6.45 2.01
C THR A 214 24.35 5.42 1.93
N LEU A 215 23.96 4.16 2.08
CA LEU A 215 24.88 3.04 2.08
C LEU A 215 25.41 2.71 0.68
N LEU A 216 24.56 2.79 -0.36
CA LEU A 216 24.93 2.37 -1.72
C LEU A 216 24.72 3.41 -2.79
N CYS A 217 25.32 3.17 -3.99
CA CYS A 217 25.16 4.02 -5.18
C CYS A 217 25.56 5.51 -4.90
N GLU A 218 26.51 5.70 -3.97
CA GLU A 218 27.06 6.99 -3.51
C GLU A 218 27.63 7.83 -4.65
N ASP A 219 28.35 7.17 -5.59
CA ASP A 219 28.95 7.84 -6.75
C ASP A 219 28.02 7.79 -7.99
N GLY A 220 26.75 7.45 -7.77
CA GLY A 220 25.74 7.35 -8.83
C GLY A 220 25.73 5.99 -9.49
N CYS A 221 24.55 5.60 -10.02
CA CYS A 221 24.35 4.32 -10.70
C CYS A 221 23.13 4.38 -11.62
N LEU A 222 22.83 3.26 -12.28
CA LEU A 222 21.74 3.18 -13.23
C LEU A 222 20.51 2.50 -12.64
N ALA A 223 19.32 2.92 -13.10
CA ALA A 223 18.05 2.34 -12.68
C ALA A 223 17.16 2.11 -13.91
N LEU A 224 16.95 0.84 -14.22
CA LEU A 224 16.06 0.41 -15.32
C LEU A 224 14.64 0.35 -14.72
N VAL A 225 13.70 1.13 -15.27
CA VAL A 225 12.33 1.12 -14.73
C VAL A 225 11.60 0.05 -15.54
N ASP A 226 11.50 -1.14 -14.94
CA ASP A 226 11.05 -2.39 -15.57
C ASP A 226 9.75 -2.99 -15.04
N THR A 227 8.68 -2.81 -15.81
CA THR A 227 7.33 -3.30 -15.48
C THR A 227 7.23 -4.84 -15.52
N GLY A 228 8.14 -5.48 -16.26
CA GLY A 228 8.21 -6.93 -16.42
C GLY A 228 8.97 -7.63 -15.32
N ALA A 229 9.62 -6.85 -14.45
CA ALA A 229 10.36 -7.39 -13.34
C ALA A 229 9.44 -7.37 -12.11
N SER A 230 9.40 -8.47 -11.36
CA SER A 230 8.55 -8.60 -10.17
C SER A 230 9.11 -7.83 -9.01
N TYR A 231 10.45 -7.74 -8.91
CA TYR A 231 11.12 -7.17 -7.78
C TYR A 231 11.98 -5.95 -8.10
N ILE A 232 12.61 -5.46 -7.06
CA ILE A 232 13.64 -4.44 -7.18
C ILE A 232 14.93 -5.30 -7.22
N SER A 233 15.78 -5.02 -8.15
CA SER A 233 17.05 -5.74 -8.22
C SER A 233 18.23 -4.80 -8.36
N GLY A 234 19.34 -5.25 -7.80
CA GLY A 234 20.65 -4.64 -7.91
C GLY A 234 21.61 -5.75 -8.29
N SER A 235 22.90 -5.40 -8.50
CA SER A 235 23.96 -6.36 -8.79
C SER A 235 24.15 -7.27 -7.57
N THR A 236 24.74 -8.48 -7.77
CA THR A 236 25.02 -9.42 -6.68
C THR A 236 25.76 -8.72 -5.54
N SER A 237 26.70 -7.84 -5.87
CA SER A 237 27.53 -7.07 -4.93
C SER A 237 26.72 -6.06 -4.10
N SER A 238 25.89 -5.24 -4.78
CA SER A 238 25.01 -4.24 -4.14
C SER A 238 24.01 -4.93 -3.20
N ILE A 239 23.40 -6.02 -3.68
CA ILE A 239 22.42 -6.80 -2.94
C ILE A 239 23.03 -7.45 -1.69
N GLU A 240 24.26 -7.95 -1.79
CA GLU A 240 24.96 -8.51 -0.62
C GLU A 240 25.13 -7.43 0.49
N LYS A 241 25.58 -6.21 0.11
CA LYS A 241 25.74 -5.09 1.07
C LYS A 241 24.38 -4.71 1.67
N LEU A 242 23.36 -4.49 0.80
CA LEU A 242 21.98 -4.17 1.19
C LEU A 242 21.42 -5.19 2.18
N MET A 243 21.57 -6.49 1.88
CA MET A 243 21.05 -7.55 2.73
C MET A 243 21.73 -7.69 4.08
N GLU A 244 23.05 -7.43 4.13
CA GLU A 244 23.87 -7.43 5.34
C GLU A 244 23.30 -6.37 6.28
N ALA A 245 23.06 -5.15 5.74
CA ALA A 245 22.46 -4.03 6.45
C ALA A 245 21.04 -4.32 6.98
N LEU A 246 20.26 -5.15 6.27
CA LEU A 246 18.89 -5.51 6.67
C LEU A 246 18.87 -6.68 7.67
N GLY A 247 19.93 -7.49 7.66
CA GLY A 247 20.06 -8.67 8.51
C GLY A 247 19.41 -9.90 7.92
N ALA A 248 19.41 -10.00 6.57
CA ALA A 248 18.79 -11.09 5.79
C ALA A 248 19.73 -12.21 5.39
N LYS A 249 19.20 -13.44 5.27
CA LYS A 249 19.95 -14.63 4.88
C LYS A 249 19.68 -15.01 3.43
N LYS A 250 20.77 -15.26 2.69
CA LYS A 250 20.72 -15.67 1.28
C LYS A 250 20.32 -17.11 1.12
N ARG A 251 19.32 -17.34 0.29
CA ARG A 251 18.88 -18.67 -0.10
C ARG A 251 19.22 -18.79 -1.60
N LEU A 252 18.81 -19.89 -2.25
CA LEU A 252 19.10 -20.16 -3.67
C LEU A 252 18.54 -19.09 -4.61
N PHE A 253 17.23 -18.80 -4.51
CA PHE A 253 16.56 -17.83 -5.37
C PHE A 253 16.16 -16.50 -4.75
N ASP A 254 16.30 -16.36 -3.44
CA ASP A 254 15.86 -15.14 -2.73
C ASP A 254 16.62 -14.89 -1.44
N TYR A 255 16.15 -13.87 -0.70
CA TYR A 255 16.65 -13.51 0.60
C TYR A 255 15.48 -13.59 1.55
N VAL A 256 15.76 -13.98 2.77
CA VAL A 256 14.71 -14.11 3.78
C VAL A 256 15.13 -13.49 5.10
N VAL A 257 14.11 -13.22 5.92
CA VAL A 257 14.22 -12.75 7.30
C VAL A 257 13.29 -13.63 8.09
N LYS A 258 13.48 -13.70 9.40
CA LYS A 258 12.57 -14.42 10.28
C LYS A 258 11.29 -13.58 10.26
N CYS A 259 10.12 -14.20 10.04
CA CYS A 259 8.86 -13.48 9.91
C CYS A 259 8.58 -12.40 10.94
N ASN A 260 8.87 -12.66 12.24
CA ASN A 260 8.71 -11.71 13.37
C ASN A 260 9.56 -10.45 13.24
N GLU A 261 10.62 -10.50 12.42
CA GLU A 261 11.50 -9.34 12.24
C GLU A 261 11.21 -8.49 10.99
N GLY A 262 10.28 -8.95 10.14
CA GLY A 262 9.82 -8.23 8.96
C GLY A 262 9.38 -6.78 9.24
N PRO A 263 8.41 -6.52 10.17
CA PRO A 263 7.98 -5.13 10.43
C PRO A 263 9.02 -4.18 11.06
N THR A 264 10.16 -4.69 11.56
CA THR A 264 11.20 -3.88 12.22
C THR A 264 12.31 -3.43 11.26
N LEU A 265 12.29 -3.91 10.01
CA LEU A 265 13.33 -3.60 9.03
C LEU A 265 13.32 -2.13 8.62
N PRO A 266 14.51 -1.52 8.36
CA PRO A 266 14.54 -0.09 8.01
C PRO A 266 13.95 0.23 6.64
N ASP A 267 13.68 1.53 6.40
CA ASP A 267 13.18 2.03 5.13
C ASP A 267 14.31 1.96 4.12
N ILE A 268 13.97 1.76 2.86
CA ILE A 268 14.94 1.77 1.77
C ILE A 268 14.53 2.93 0.85
N SER A 269 15.47 3.83 0.58
CA SER A 269 15.23 5.02 -0.23
C SER A 269 16.03 4.98 -1.50
N PHE A 270 15.44 5.48 -2.58
CA PHE A 270 16.09 5.54 -3.89
C PHE A 270 16.09 6.98 -4.33
N HIS A 271 17.30 7.55 -4.53
CA HIS A 271 17.41 8.94 -4.96
C HIS A 271 17.33 9.01 -6.49
N LEU A 272 16.20 9.50 -7.01
CA LEU A 272 15.90 9.65 -8.44
C LEU A 272 15.43 11.07 -8.67
N GLY A 273 16.09 11.76 -9.60
CA GLY A 273 15.80 13.16 -9.89
C GLY A 273 16.06 13.98 -8.63
N GLY A 274 15.17 14.92 -8.35
CA GLY A 274 15.30 15.71 -7.14
C GLY A 274 14.45 15.19 -5.99
N LYS A 275 14.26 13.85 -5.89
CA LYS A 275 13.40 13.28 -4.85
C LYS A 275 13.89 11.94 -4.31
N GLU A 276 13.57 11.66 -3.03
CA GLU A 276 13.82 10.39 -2.36
C GLU A 276 12.55 9.55 -2.46
N TYR A 277 12.66 8.37 -3.08
CA TYR A 277 11.57 7.42 -3.24
C TYR A 277 11.74 6.31 -2.20
N THR A 278 10.97 6.41 -1.13
CA THR A 278 11.07 5.54 0.03
C THR A 278 10.08 4.42 0.09
N LEU A 279 10.60 3.24 0.43
CA LEU A 279 9.81 2.04 0.65
C LEU A 279 10.03 1.62 2.10
N THR A 280 8.93 1.38 2.84
CA THR A 280 9.01 0.87 4.21
C THR A 280 9.06 -0.66 4.09
N SER A 281 9.30 -1.37 5.20
CA SER A 281 9.33 -2.84 5.17
C SER A 281 8.02 -3.49 4.64
N ALA A 282 6.86 -2.84 4.88
CA ALA A 282 5.54 -3.28 4.43
C ALA A 282 5.48 -3.29 2.89
N ASP A 283 6.30 -2.46 2.25
CA ASP A 283 6.37 -2.32 0.79
C ASP A 283 7.32 -3.35 0.17
N TYR A 284 8.22 -3.98 0.94
CA TYR A 284 9.21 -4.90 0.38
C TYR A 284 9.29 -6.28 1.07
N VAL A 285 8.49 -6.53 2.11
CA VAL A 285 8.51 -7.83 2.78
C VAL A 285 7.22 -8.53 2.43
N PHE A 286 7.31 -9.82 2.08
CA PHE A 286 6.15 -10.66 1.84
C PHE A 286 5.75 -11.20 3.21
N GLN A 287 5.06 -10.34 3.99
CA GLN A 287 4.62 -10.60 5.37
C GLN A 287 3.52 -11.65 5.47
N GLU A 288 3.94 -12.91 5.34
CA GLU A 288 3.10 -14.11 5.33
C GLU A 288 2.61 -14.55 6.71
N SER A 289 3.37 -14.17 7.76
CA SER A 289 3.07 -14.48 9.17
C SER A 289 3.98 -13.60 10.05
N TYR A 290 3.79 -13.63 11.36
CA TYR A 290 4.61 -12.84 12.26
C TYR A 290 5.42 -13.80 13.13
N SER A 291 5.40 -15.10 12.77
CA SER A 291 6.04 -16.18 13.50
C SER A 291 7.55 -16.16 13.54
N SER A 292 8.11 -16.38 14.74
CA SER A 292 9.55 -16.49 14.98
C SER A 292 10.11 -17.83 14.40
N LYS A 293 9.22 -18.77 14.03
CA LYS A 293 9.53 -20.10 13.50
C LYS A 293 9.34 -20.20 11.97
N LYS A 294 9.17 -19.05 11.29
CA LYS A 294 8.96 -19.01 9.84
C LYS A 294 9.80 -17.94 9.19
N LEU A 295 10.13 -18.16 7.91
CA LEU A 295 10.94 -17.28 7.09
C LEU A 295 10.09 -16.56 6.07
N CYS A 296 10.32 -15.24 5.93
CA CYS A 296 9.57 -14.36 5.05
C CYS A 296 10.46 -13.83 3.96
N THR A 297 10.02 -13.98 2.68
CA THR A 297 10.80 -13.52 1.53
C THR A 297 10.73 -11.98 1.39
N LEU A 298 11.77 -11.40 0.78
CA LEU A 298 11.85 -9.99 0.45
C LEU A 298 11.61 -9.82 -1.04
N ALA A 299 11.02 -8.69 -1.43
CA ALA A 299 10.68 -8.38 -2.81
C ALA A 299 11.82 -7.62 -3.50
N ILE A 300 13.07 -7.93 -3.11
CA ILE A 300 14.37 -7.40 -3.59
C ILE A 300 15.27 -8.61 -3.84
N HIS A 301 15.83 -8.74 -5.05
CA HIS A 301 16.67 -9.87 -5.47
C HIS A 301 17.97 -9.40 -6.14
N ALA A 302 19.00 -10.26 -6.18
CA ALA A 302 20.24 -9.93 -6.91
C ALA A 302 19.99 -10.27 -8.38
N MET A 303 20.44 -9.41 -9.28
CA MET A 303 20.27 -9.63 -10.72
C MET A 303 21.37 -8.92 -11.44
N ASP A 304 22.25 -9.70 -12.06
CA ASP A 304 23.35 -9.14 -12.84
C ASP A 304 22.89 -9.04 -14.27
N ILE A 305 22.44 -7.83 -14.64
CA ILE A 305 21.94 -7.51 -15.97
C ILE A 305 23.16 -7.28 -16.85
N PRO A 306 23.27 -8.00 -17.99
CA PRO A 306 24.49 -7.89 -18.80
C PRO A 306 24.59 -6.59 -19.59
N PRO A 307 25.83 -6.15 -19.98
CA PRO A 307 25.95 -4.96 -20.84
C PRO A 307 25.33 -5.23 -22.23
N PRO A 308 24.89 -4.19 -22.99
CA PRO A 308 25.00 -2.74 -22.75
C PRO A 308 24.09 -2.14 -21.65
N THR A 309 22.88 -2.70 -21.45
CA THR A 309 21.90 -2.22 -20.45
C THR A 309 22.46 -2.22 -19.01
N GLY A 310 23.09 -3.33 -18.62
CA GLY A 310 23.68 -3.48 -17.29
C GLY A 310 25.18 -3.24 -17.26
N PRO A 311 25.84 -3.26 -16.09
CA PRO A 311 25.30 -3.45 -14.73
C PRO A 311 24.31 -2.35 -14.37
N THR A 312 23.14 -2.72 -13.83
CA THR A 312 22.09 -1.77 -13.47
C THR A 312 21.17 -2.29 -12.38
N TRP A 313 20.50 -1.37 -11.67
CA TRP A 313 19.41 -1.71 -10.76
C TRP A 313 18.17 -1.80 -11.66
N ALA A 314 17.18 -2.56 -11.22
CA ALA A 314 15.90 -2.62 -11.91
C ALA A 314 14.83 -2.32 -10.87
N LEU A 315 13.95 -1.37 -11.18
CA LEU A 315 12.84 -0.96 -10.32
C LEU A 315 11.62 -1.59 -10.91
N GLY A 316 11.23 -2.75 -10.38
CA GLY A 316 10.09 -3.53 -10.85
C GLY A 316 8.81 -3.33 -10.07
N ALA A 317 7.92 -4.34 -10.05
CA ALA A 317 6.59 -4.27 -9.40
C ALA A 317 6.63 -3.81 -7.94
N THR A 318 7.70 -4.16 -7.19
CA THR A 318 7.85 -3.70 -5.80
C THR A 318 7.80 -2.16 -5.74
N PHE A 319 8.51 -1.52 -6.67
CA PHE A 319 8.59 -0.08 -6.79
C PHE A 319 7.31 0.56 -7.36
N ILE A 320 6.80 0.04 -8.49
CA ILE A 320 5.58 0.52 -9.19
C ILE A 320 4.33 0.46 -8.32
N ARG A 321 4.25 -0.52 -7.38
CA ARG A 321 3.12 -0.62 -6.47
C ARG A 321 3.00 0.65 -5.63
N LYS A 322 4.14 1.17 -5.15
CA LYS A 322 4.18 2.41 -4.35
C LYS A 322 4.08 3.65 -5.23
N PHE A 323 4.78 3.64 -6.36
CA PHE A 323 4.85 4.78 -7.30
C PHE A 323 4.25 4.53 -8.66
N TYR A 324 3.09 5.15 -8.92
CA TYR A 324 2.40 5.14 -10.22
C TYR A 324 3.41 5.72 -11.22
N THR A 325 3.63 5.03 -12.35
CA THR A 325 4.65 5.37 -13.36
C THR A 325 4.11 5.72 -14.73
N GLU A 326 4.58 6.86 -15.27
CA GLU A 326 4.25 7.34 -16.62
C GLU A 326 5.51 7.28 -17.46
N PHE A 327 5.44 6.57 -18.59
CA PHE A 327 6.55 6.43 -19.53
C PHE A 327 6.28 7.34 -20.70
N ASP A 328 7.07 8.44 -20.81
CA ASP A 328 6.91 9.51 -21.78
C ASP A 328 7.85 9.36 -23.00
N ARG A 329 7.27 8.95 -24.15
CA ARG A 329 8.02 8.76 -25.38
C ARG A 329 8.31 10.11 -26.06
N ARG A 330 7.38 11.08 -25.95
CA ARG A 330 7.53 12.41 -26.56
C ARG A 330 8.73 13.21 -26.00
N ASN A 331 9.02 13.09 -24.69
CA ASN A 331 10.10 13.83 -24.03
C ASN A 331 11.26 13.00 -23.47
N ASN A 332 11.26 11.67 -23.74
CA ASN A 332 12.24 10.69 -23.23
C ASN A 332 12.47 10.81 -21.74
N ARG A 333 11.38 10.62 -20.99
CA ARG A 333 11.43 10.72 -19.53
C ARG A 333 10.42 9.78 -18.88
N ILE A 334 10.56 9.59 -17.56
CA ILE A 334 9.71 8.76 -16.71
C ILE A 334 9.20 9.63 -15.56
N GLY A 335 7.90 9.65 -15.38
CA GLY A 335 7.26 10.35 -14.27
C GLY A 335 6.80 9.41 -13.20
N PHE A 336 6.99 9.81 -11.93
CA PHE A 336 6.54 9.07 -10.75
C PHE A 336 5.64 9.92 -9.89
N ALA A 337 4.59 9.31 -9.38
CA ALA A 337 3.67 9.97 -8.46
C ALA A 337 3.27 8.91 -7.49
N LEU A 338 2.83 9.31 -6.29
CA LEU A 338 2.41 8.38 -5.26
C LEU A 338 1.11 7.66 -5.69
N ALA A 339 1.13 6.33 -5.73
CA ALA A 339 -0.04 5.54 -6.13
C ALA A 339 -1.17 5.57 -5.08
N ARG A 340 -2.44 5.66 -5.54
CA ARG A 340 -3.70 5.61 -4.77
C ARG A 340 -4.23 4.16 -4.94
N LEU B 1 -14.30 29.10 6.01
CA LEU B 1 -14.07 27.77 5.46
C LEU B 1 -14.13 27.76 3.91
N THR B 2 -13.07 27.21 3.29
CA THR B 2 -12.93 27.09 1.83
C THR B 2 -12.85 25.59 1.45
N LEU B 3 -13.53 25.22 0.36
CA LEU B 3 -13.56 23.85 -0.17
C LEU B 3 -12.99 23.82 -1.59
N GLY B 4 -12.27 22.74 -1.89
CA GLY B 4 -11.67 22.52 -3.20
C GLY B 4 -12.24 21.34 -3.93
N ASN B 5 -11.39 20.69 -4.75
CA ASN B 5 -11.74 19.53 -5.58
C ASN B 5 -10.69 18.42 -5.35
N THR B 6 -10.12 18.38 -4.13
CA THR B 6 -9.06 17.46 -3.72
C THR B 6 -9.47 16.48 -2.60
N THR B 7 -9.00 15.24 -2.76
CA THR B 7 -9.05 14.16 -1.78
C THR B 7 -7.64 13.66 -1.68
N SER B 8 -7.24 13.16 -0.53
CA SER B 8 -5.90 12.64 -0.32
C SER B 8 -5.99 11.36 0.46
N SER B 9 -5.36 10.30 -0.04
CA SER B 9 -5.43 9.02 0.66
C SER B 9 -4.07 8.54 1.20
N VAL B 10 -4.11 7.85 2.34
CA VAL B 10 -2.94 7.29 2.97
C VAL B 10 -3.17 5.81 3.15
N ILE B 11 -2.30 4.98 2.56
CA ILE B 11 -2.35 3.52 2.69
C ILE B 11 -1.85 3.14 4.07
N LEU B 12 -2.59 2.28 4.78
CA LEU B 12 -2.17 1.86 6.10
C LEU B 12 -1.69 0.43 6.12
N THR B 13 -0.83 0.12 7.08
CA THR B 13 -0.30 -1.21 7.33
C THR B 13 -1.06 -1.77 8.53
N ASN B 14 -1.57 -2.98 8.40
CA ASN B 14 -2.25 -3.63 9.49
C ASN B 14 -1.27 -4.58 10.17
N TYR B 15 -0.91 -4.24 11.41
CA TYR B 15 -0.11 -5.08 12.26
C TYR B 15 -1.01 -5.83 13.27
N MET B 16 -1.17 -7.17 13.08
CA MET B 16 -1.90 -8.10 13.97
C MET B 16 -3.34 -7.69 14.34
N ASP B 17 -4.03 -6.86 13.51
CA ASP B 17 -5.38 -6.35 13.82
C ASP B 17 -5.40 -5.43 15.06
N THR B 18 -4.21 -4.97 15.54
CA THR B 18 -4.13 -4.08 16.72
C THR B 18 -3.50 -2.72 16.40
N GLN B 19 -2.66 -2.65 15.36
CA GLN B 19 -2.00 -1.38 15.00
C GLN B 19 -2.12 -1.13 13.51
N TYR B 20 -2.65 0.07 13.16
CA TYR B 20 -2.85 0.51 11.79
C TYR B 20 -2.10 1.79 11.67
N TYR B 21 -1.11 1.79 10.81
CA TYR B 21 -0.26 2.95 10.64
C TYR B 21 0.08 3.20 9.18
N GLY B 22 0.27 4.47 8.84
CA GLY B 22 0.64 4.91 7.51
C GLY B 22 1.86 5.77 7.59
N GLU B 23 2.21 6.40 6.48
CA GLU B 23 3.41 7.23 6.40
C GLU B 23 3.13 8.69 6.27
N ILE B 24 3.98 9.48 6.90
CA ILE B 24 4.02 10.94 6.77
C ILE B 24 5.49 11.29 6.53
N GLY B 25 5.70 12.41 5.86
CA GLY B 25 7.02 12.97 5.64
C GLY B 25 7.13 14.28 6.41
N ILE B 26 8.17 14.43 7.24
CA ILE B 26 8.42 15.71 7.93
C ILE B 26 9.77 16.32 7.47
N GLY B 27 9.72 17.59 7.07
CA GLY B 27 10.90 18.34 6.66
C GLY B 27 11.24 18.44 5.19
N THR B 28 12.35 19.14 4.88
CA THR B 28 12.91 19.33 3.56
C THR B 28 14.38 18.93 3.57
N PRO B 29 14.75 17.80 2.92
CA PRO B 29 13.88 16.85 2.22
C PRO B 29 13.04 16.04 3.25
N PRO B 30 11.92 15.36 2.85
CA PRO B 30 11.13 14.64 3.87
C PRO B 30 11.81 13.47 4.56
N GLN B 31 11.63 13.37 5.89
CA GLN B 31 12.07 12.25 6.72
C GLN B 31 10.75 11.51 6.99
N THR B 32 10.71 10.22 6.64
CA THR B 32 9.47 9.44 6.73
C THR B 32 9.24 8.75 8.06
N PHE B 33 7.99 8.77 8.53
CA PHE B 33 7.63 8.15 9.80
C PHE B 33 6.39 7.32 9.62
N LYS B 34 6.33 6.24 10.38
CA LYS B 34 5.19 5.34 10.48
C LYS B 34 4.34 5.95 11.61
N VAL B 35 3.13 6.39 11.30
CA VAL B 35 2.25 7.03 12.28
C VAL B 35 0.85 6.40 12.38
N VAL B 36 0.28 6.44 13.59
CA VAL B 36 -1.07 6.03 13.89
C VAL B 36 -1.94 7.33 13.75
N PHE B 37 -3.08 7.25 13.05
CA PHE B 37 -3.98 8.41 12.89
C PHE B 37 -5.07 8.20 13.91
N ASP B 38 -5.00 8.98 15.00
CA ASP B 38 -5.82 8.84 16.20
C ASP B 38 -6.92 9.90 16.39
N THR B 39 -8.21 9.54 16.23
CA THR B 39 -9.31 10.50 16.44
C THR B 39 -9.53 10.82 17.95
N GLY B 40 -8.98 9.98 18.85
CA GLY B 40 -9.06 10.18 20.30
C GLY B 40 -8.02 11.12 20.91
N SER B 41 -7.18 11.77 20.07
CA SER B 41 -6.15 12.75 20.50
C SER B 41 -5.94 13.79 19.41
N SER B 42 -5.25 14.92 19.69
CA SER B 42 -5.14 16.02 18.70
C SER B 42 -3.75 16.54 18.43
N ASN B 43 -2.72 15.89 19.00
CA ASN B 43 -1.35 16.35 18.78
C ASN B 43 -0.64 15.42 17.81
N VAL B 44 0.30 16.01 17.04
CA VAL B 44 1.21 15.33 16.15
C VAL B 44 2.53 15.22 16.97
N TRP B 45 3.13 14.03 16.96
CA TRP B 45 4.41 13.77 17.59
C TRP B 45 5.12 12.62 16.90
N VAL B 46 6.46 12.68 16.88
CA VAL B 46 7.39 11.67 16.36
C VAL B 46 8.58 11.61 17.33
N PRO B 47 9.34 10.49 17.41
CA PRO B 47 10.53 10.49 18.25
C PRO B 47 11.59 11.47 17.70
N SER B 48 12.35 12.11 18.61
CA SER B 48 13.36 13.11 18.29
C SER B 48 14.76 12.53 18.25
N SER B 49 15.65 13.09 17.40
CA SER B 49 17.09 12.73 17.37
C SER B 49 17.73 13.12 18.74
N LYS B 50 17.11 14.07 19.44
CA LYS B 50 17.52 14.55 20.76
C LYS B 50 17.08 13.60 21.89
N CYS B 51 16.40 12.47 21.54
CA CYS B 51 16.00 11.46 22.51
C CYS B 51 17.21 10.62 22.92
N SER B 52 17.53 10.65 24.24
CA SER B 52 18.63 9.88 24.84
C SER B 52 18.47 8.38 24.56
N ARG B 53 19.54 7.75 24.04
CA ARG B 53 19.59 6.33 23.65
C ARG B 53 19.45 5.31 24.80
N LEU B 54 19.18 5.81 26.03
CA LEU B 54 18.91 4.99 27.21
C LEU B 54 17.47 4.46 27.17
N TYR B 55 16.52 5.16 26.50
CA TYR B 55 15.13 4.67 26.32
C TYR B 55 15.24 3.64 25.21
N THR B 56 14.91 2.38 25.50
CA THR B 56 14.97 1.26 24.53
C THR B 56 14.10 1.55 23.28
N ALA B 57 13.02 2.36 23.44
CA ALA B 57 12.12 2.77 22.35
C ALA B 57 12.80 3.62 21.26
N CYS B 58 13.58 4.66 21.64
CA CYS B 58 14.28 5.56 20.71
C CYS B 58 15.36 4.93 19.88
N VAL B 59 15.90 3.79 20.33
CA VAL B 59 16.89 3.03 19.57
C VAL B 59 16.12 2.26 18.47
N TYR B 60 14.89 1.79 18.79
CA TYR B 60 14.02 0.98 17.94
C TYR B 60 13.03 1.72 17.01
N HIS B 61 13.06 3.07 16.98
CA HIS B 61 12.21 3.87 16.11
C HIS B 61 12.98 4.91 15.32
N LYS B 62 12.38 5.38 14.21
CA LYS B 62 12.88 6.44 13.35
C LYS B 62 12.84 7.74 14.17
N LEU B 63 13.93 8.53 14.12
CA LEU B 63 14.03 9.78 14.88
C LEU B 63 14.11 10.99 13.97
N PHE B 64 13.34 12.06 14.29
CA PHE B 64 13.37 13.29 13.51
C PHE B 64 14.60 14.10 13.87
N ASP B 65 15.38 14.48 12.83
CA ASP B 65 16.58 15.31 12.96
C ASP B 65 16.30 16.65 12.29
N ALA B 66 16.12 17.69 13.13
CA ALA B 66 15.84 19.06 12.67
C ALA B 66 17.01 19.66 11.87
N SER B 67 18.26 19.26 12.24
CA SER B 67 19.51 19.68 11.62
C SER B 67 19.66 19.21 10.17
N ASP B 68 18.74 18.34 9.71
CA ASP B 68 18.72 17.82 8.35
C ASP B 68 17.57 18.42 7.54
N SER B 69 16.80 19.31 8.17
CA SER B 69 15.66 19.93 7.51
C SER B 69 15.86 21.42 7.33
N SER B 70 15.71 21.88 6.08
CA SER B 70 15.86 23.30 5.73
C SER B 70 14.60 24.14 6.01
N SER B 71 13.44 23.49 6.18
CA SER B 71 12.15 24.14 6.43
C SER B 71 11.76 24.18 7.92
N TYR B 72 12.60 23.62 8.78
CA TYR B 72 12.41 23.58 10.22
C TYR B 72 12.42 24.96 10.85
N LYS B 73 11.48 25.19 11.78
CA LYS B 73 11.39 26.43 12.57
C LYS B 73 11.32 26.02 14.02
N HIS B 74 12.24 26.58 14.82
CA HIS B 74 12.39 26.32 16.24
C HIS B 74 11.22 26.83 17.08
N ASN B 75 10.89 26.12 18.18
CA ASN B 75 9.89 26.54 19.16
C ASN B 75 10.29 26.16 20.60
N GLY B 76 10.64 24.91 20.83
CA GLY B 76 11.10 24.43 22.14
C GLY B 76 10.15 24.35 23.32
N THR B 77 8.86 24.79 23.18
CA THR B 77 7.87 24.69 24.28
C THR B 77 7.74 23.21 24.70
N GLU B 78 8.03 22.91 25.96
CA GLU B 78 7.92 21.57 26.49
C GLU B 78 6.45 21.15 26.55
N LEU B 79 6.20 19.85 26.29
CA LEU B 79 4.86 19.28 26.35
C LEU B 79 4.91 17.82 26.74
N THR B 80 3.88 17.38 27.44
CA THR B 80 3.69 16.01 27.89
C THR B 80 2.37 15.52 27.28
N LEU B 81 2.39 14.30 26.73
CA LEU B 81 1.23 13.66 26.09
C LEU B 81 0.98 12.34 26.78
N ARG B 82 -0.24 12.21 27.33
CA ARG B 82 -0.68 11.05 28.11
C ARG B 82 -1.68 10.20 27.33
N TYR B 83 -1.37 8.91 27.19
CA TYR B 83 -2.22 7.94 26.50
C TYR B 83 -2.69 6.89 27.46
N SER B 84 -3.49 5.92 26.99
CA SER B 84 -4.05 4.89 27.87
C SER B 84 -2.94 4.00 28.45
N THR B 85 -2.07 3.57 27.55
CA THR B 85 -0.98 2.64 27.77
C THR B 85 0.29 3.28 28.36
N GLY B 86 0.45 4.61 28.19
CA GLY B 86 1.66 5.30 28.63
C GLY B 86 1.77 6.75 28.25
N THR B 87 2.90 7.40 28.64
CA THR B 87 3.17 8.83 28.49
C THR B 87 4.46 9.15 27.73
N VAL B 88 4.46 10.27 26.99
CA VAL B 88 5.61 10.80 26.25
C VAL B 88 5.78 12.27 26.57
N SER B 89 7.03 12.75 26.49
CA SER B 89 7.39 14.15 26.75
C SER B 89 8.40 14.57 25.72
N GLY B 90 8.34 15.82 25.36
CA GLY B 90 9.26 16.41 24.42
C GLY B 90 9.00 17.88 24.34
N PHE B 91 9.37 18.47 23.22
CA PHE B 91 9.22 19.89 22.96
C PHE B 91 8.59 20.10 21.59
N LEU B 92 8.01 21.29 21.36
CA LEU B 92 7.40 21.65 20.09
C LEU B 92 8.37 22.16 19.05
N SER B 93 8.12 21.79 17.79
CA SER B 93 8.88 22.20 16.60
C SER B 93 7.89 22.46 15.49
N GLN B 94 8.33 23.19 14.47
CA GLN B 94 7.50 23.43 13.31
C GLN B 94 8.26 23.02 12.07
N ASP B 95 7.55 22.40 11.13
CA ASP B 95 8.10 21.99 9.84
C ASP B 95 6.95 21.66 8.92
N ILE B 96 7.29 21.38 7.65
CA ILE B 96 6.32 20.97 6.65
C ILE B 96 6.07 19.47 6.80
N ILE B 97 4.79 19.07 6.85
CA ILE B 97 4.35 17.67 6.92
C ILE B 97 3.62 17.28 5.61
N THR B 98 4.07 16.18 4.99
CA THR B 98 3.49 15.62 3.76
C THR B 98 2.59 14.45 4.14
N VAL B 99 1.31 14.54 3.77
CA VAL B 99 0.31 13.49 4.07
C VAL B 99 -0.50 13.15 2.82
N GLY B 100 -0.09 12.06 2.17
CA GLY B 100 -0.61 11.54 0.91
C GLY B 100 -0.84 12.55 -0.20
N GLY B 101 0.18 13.29 -0.59
CA GLY B 101 -0.03 14.30 -1.63
C GLY B 101 -0.37 15.71 -1.16
N ILE B 102 -0.74 15.87 0.11
CA ILE B 102 -1.02 17.18 0.67
C ILE B 102 0.24 17.57 1.48
N THR B 103 0.59 18.86 1.44
CA THR B 103 1.72 19.43 2.17
C THR B 103 1.19 20.53 3.12
N VAL B 104 1.54 20.48 4.40
CA VAL B 104 1.04 21.46 5.37
C VAL B 104 2.11 21.87 6.37
N THR B 105 2.15 23.18 6.75
CA THR B 105 3.07 23.67 7.79
C THR B 105 2.40 23.32 9.12
N GLN B 106 3.06 22.51 9.94
CA GLN B 106 2.50 21.99 11.18
C GLN B 106 3.42 22.10 12.39
N MET B 107 2.83 22.41 13.55
CA MET B 107 3.51 22.43 14.83
C MET B 107 3.32 21.03 15.41
N PHE B 108 4.42 20.41 15.79
CA PHE B 108 4.38 19.03 16.25
C PHE B 108 5.38 18.85 17.38
N GLY B 109 5.24 17.76 18.11
CA GLY B 109 6.13 17.42 19.21
C GLY B 109 7.27 16.53 18.78
N GLU B 110 8.46 16.86 19.25
CA GLU B 110 9.68 16.07 19.06
C GLU B 110 9.85 15.34 20.41
N VAL B 111 9.60 14.04 20.44
CA VAL B 111 9.63 13.25 21.66
C VAL B 111 11.05 12.87 22.10
N THR B 112 11.43 13.27 23.32
CA THR B 112 12.76 13.01 23.91
C THR B 112 12.66 12.00 25.06
N GLU B 113 11.43 11.68 25.52
CA GLU B 113 11.14 10.72 26.58
C GLU B 113 10.06 9.72 26.11
N MET B 114 10.49 8.48 25.81
CA MET B 114 9.67 7.42 25.25
C MET B 114 9.84 6.09 26.00
N PRO B 115 8.99 5.77 27.00
CA PRO B 115 9.16 4.52 27.77
C PRO B 115 8.97 3.23 26.98
N ALA B 116 9.88 2.26 27.21
CA ALA B 116 9.91 0.92 26.63
C ALA B 116 8.55 0.23 26.76
N LEU B 117 7.83 0.49 27.87
CA LEU B 117 6.47 0.00 28.08
C LEU B 117 5.57 1.25 27.98
N PRO B 118 4.76 1.40 26.92
CA PRO B 118 4.46 0.43 25.85
C PRO B 118 5.20 0.60 24.50
N PHE B 119 5.99 1.67 24.32
CA PHE B 119 6.61 1.99 23.04
C PHE B 119 7.49 0.96 22.34
N MET B 120 7.95 -0.09 23.04
CA MET B 120 8.70 -1.18 22.43
C MET B 120 7.74 -2.09 21.65
N LEU B 121 6.44 -2.09 22.01
CA LEU B 121 5.37 -2.86 21.39
C LEU B 121 4.86 -2.18 20.11
N ALA B 122 5.18 -0.90 19.98
CA ALA B 122 4.76 -0.08 18.87
C ALA B 122 5.57 -0.30 17.58
N GLU B 123 4.86 -0.60 16.47
CA GLU B 123 5.48 -0.78 15.15
C GLU B 123 5.53 0.56 14.46
N PHE B 124 4.74 1.49 14.96
CA PHE B 124 4.67 2.85 14.49
C PHE B 124 5.70 3.66 15.27
N ASP B 125 6.13 4.81 14.70
CA ASP B 125 7.07 5.73 15.33
C ASP B 125 6.35 6.78 16.14
N GLY B 126 5.34 7.39 15.54
CA GLY B 126 4.60 8.47 16.17
C GLY B 126 3.10 8.45 15.97
N VAL B 127 2.46 9.57 16.29
CA VAL B 127 1.02 9.71 16.26
C VAL B 127 0.61 10.99 15.56
N VAL B 128 -0.47 10.92 14.78
CA VAL B 128 -1.11 12.06 14.12
C VAL B 128 -2.51 12.16 14.71
N GLY B 129 -2.69 13.11 15.59
CA GLY B 129 -3.97 13.35 16.25
C GLY B 129 -5.00 13.91 15.31
N MET B 130 -6.13 13.19 15.19
CA MET B 130 -7.22 13.55 14.28
C MET B 130 -8.42 14.18 15.02
N GLY B 131 -8.23 14.46 16.31
CA GLY B 131 -9.21 15.09 17.19
C GLY B 131 -9.28 16.61 17.01
N PHE B 132 -10.03 17.26 17.89
CA PHE B 132 -10.27 18.70 17.86
C PHE B 132 -9.26 19.48 18.71
N ILE B 133 -9.06 20.78 18.40
CA ILE B 133 -8.18 21.71 19.15
C ILE B 133 -8.44 21.72 20.68
N GLU B 134 -9.70 21.49 21.10
CA GLU B 134 -10.13 21.39 22.50
C GLU B 134 -9.37 20.32 23.28
N GLN B 135 -8.91 19.25 22.60
CA GLN B 135 -8.15 18.13 23.22
C GLN B 135 -6.63 18.32 23.02
N ALA B 136 -6.22 19.30 22.19
CA ALA B 136 -4.81 19.54 21.89
C ALA B 136 -4.04 20.16 23.06
N ILE B 137 -2.96 19.49 23.48
CA ILE B 137 -2.06 19.91 24.54
C ILE B 137 -1.23 21.09 24.00
N GLY B 138 -1.20 22.17 24.76
CA GLY B 138 -0.52 23.42 24.38
C GLY B 138 -1.33 24.23 23.39
N ARG B 139 -2.63 23.86 23.21
CA ARG B 139 -3.59 24.47 22.30
C ARG B 139 -3.05 24.60 20.84
N VAL B 140 -2.22 23.62 20.44
CA VAL B 140 -1.59 23.53 19.13
C VAL B 140 -2.66 23.23 18.08
N THR B 141 -2.66 23.96 16.96
CA THR B 141 -3.62 23.73 15.89
C THR B 141 -3.42 22.32 15.32
N PRO B 142 -4.46 21.45 15.34
CA PRO B 142 -4.29 20.09 14.79
C PRO B 142 -4.15 20.12 13.27
N ILE B 143 -3.46 19.11 12.73
CA ILE B 143 -3.18 18.96 11.29
C ILE B 143 -4.40 19.07 10.39
N PHE B 144 -5.54 18.49 10.79
CA PHE B 144 -6.73 18.56 9.96
C PHE B 144 -7.29 19.97 9.88
N ASP B 145 -7.19 20.76 10.98
CA ASP B 145 -7.60 22.18 10.97
C ASP B 145 -6.70 22.98 10.01
N ASN B 146 -5.41 22.65 9.99
CA ASN B 146 -4.45 23.28 9.09
C ASN B 146 -4.70 22.91 7.64
N ILE B 147 -5.12 21.65 7.37
CA ILE B 147 -5.46 21.16 6.02
C ILE B 147 -6.76 21.84 5.51
N ILE B 148 -7.78 21.97 6.39
CA ILE B 148 -9.05 22.65 6.10
C ILE B 148 -8.70 24.11 5.69
N SER B 149 -7.87 24.83 6.52
CA SER B 149 -7.44 26.22 6.27
C SER B 149 -6.95 26.45 4.84
N GLN B 150 -6.31 25.43 4.21
CA GLN B 150 -5.78 25.51 2.85
C GLN B 150 -6.83 25.59 1.77
N GLY B 151 -8.05 25.17 2.09
CA GLY B 151 -9.17 25.18 1.14
C GLY B 151 -9.00 24.34 -0.11
N VAL B 152 -8.33 23.18 0.03
CA VAL B 152 -8.14 22.27 -1.11
C VAL B 152 -9.07 21.04 -1.11
N LEU B 153 -9.50 20.61 0.09
CA LEU B 153 -10.35 19.43 0.27
C LEU B 153 -11.75 19.60 -0.27
N LYS B 154 -12.22 18.59 -1.03
CA LYS B 154 -13.56 18.54 -1.63
C LYS B 154 -14.63 18.74 -0.55
N GLU B 155 -14.44 18.09 0.62
CA GLU B 155 -15.35 18.18 1.78
C GLU B 155 -14.50 18.19 3.03
N ASP B 156 -15.03 18.76 4.10
CA ASP B 156 -14.43 18.95 5.42
C ASP B 156 -14.64 17.65 6.26
N VAL B 157 -14.20 16.50 5.68
CA VAL B 157 -14.36 15.18 6.28
C VAL B 157 -13.09 14.30 6.04
N PHE B 158 -12.96 13.25 6.84
CA PHE B 158 -11.92 12.26 6.65
C PHE B 158 -12.51 10.90 7.00
N SER B 159 -12.05 9.85 6.29
CA SER B 159 -12.59 8.50 6.41
C SER B 159 -11.59 7.44 6.74
N PHE B 160 -12.07 6.43 7.48
CA PHE B 160 -11.25 5.29 7.91
C PHE B 160 -11.74 3.98 7.41
N TYR B 161 -10.81 3.23 6.83
CA TYR B 161 -11.02 1.86 6.42
C TYR B 161 -9.91 1.04 7.11
N TYR B 162 -10.29 0.05 7.92
CA TYR B 162 -9.37 -0.88 8.58
C TYR B 162 -9.73 -2.27 8.06
N ASN B 163 -8.79 -2.95 7.41
CA ASN B 163 -9.03 -4.29 6.92
C ASN B 163 -8.77 -5.33 8.02
N ARG B 164 -9.18 -6.57 7.80
CA ARG B 164 -8.93 -7.69 8.73
C ARG B 164 -7.61 -8.34 8.26
N ASP B 165 -6.71 -8.64 9.18
CA ASP B 165 -5.37 -9.20 8.88
C ASP B 165 -5.53 -10.58 8.24
N SER B 166 -4.81 -10.83 7.13
CA SER B 166 -4.85 -12.12 6.42
C SER B 166 -3.56 -12.38 5.65
N GLN B 170 -1.24 -10.82 1.74
CA GLN B 170 -0.48 -9.67 1.22
C GLN B 170 -1.40 -8.66 0.53
N SER B 171 -2.35 -8.12 1.32
CA SER B 171 -3.39 -7.16 0.94
C SER B 171 -3.24 -5.79 1.64
N LEU B 172 -4.17 -4.86 1.36
CA LEU B 172 -4.25 -3.52 1.91
C LEU B 172 -4.60 -3.63 3.41
N GLY B 173 -3.75 -3.07 4.28
CA GLY B 173 -3.97 -3.06 5.72
C GLY B 173 -5.13 -2.18 6.14
N GLY B 174 -5.28 -1.07 5.42
CA GLY B 174 -6.32 -0.10 5.65
C GLY B 174 -6.10 1.13 4.80
N GLN B 175 -6.95 2.13 4.98
CA GLN B 175 -6.86 3.36 4.19
C GLN B 175 -7.56 4.52 4.87
N ILE B 176 -6.88 5.66 4.91
CA ILE B 176 -7.49 6.90 5.36
C ILE B 176 -7.66 7.81 4.14
N VAL B 177 -8.86 8.40 3.97
CA VAL B 177 -9.15 9.36 2.91
C VAL B 177 -9.40 10.73 3.61
N LEU B 178 -8.67 11.77 3.21
CA LEU B 178 -8.87 13.14 3.71
C LEU B 178 -9.62 13.89 2.63
N GLY B 179 -10.73 14.50 2.98
CA GLY B 179 -11.54 15.23 2.00
C GLY B 179 -12.71 14.45 1.45
N GLY B 180 -12.89 13.22 1.93
CA GLY B 180 -13.95 12.36 1.43
C GLY B 180 -13.94 10.95 1.95
N SER B 181 -14.47 10.03 1.12
CA SER B 181 -14.60 8.60 1.39
C SER B 181 -14.28 7.79 0.14
N ASP B 182 -13.96 6.48 0.31
CA ASP B 182 -13.66 5.60 -0.81
C ASP B 182 -14.79 4.57 -0.95
N PRO B 183 -15.66 4.72 -1.99
CA PRO B 183 -16.79 3.77 -2.15
C PRO B 183 -16.40 2.30 -2.39
N GLN B 184 -15.16 2.05 -2.83
CA GLN B 184 -14.61 0.69 -3.00
C GLN B 184 -14.55 -0.07 -1.65
N HIS B 185 -14.50 0.67 -0.51
CA HIS B 185 -14.34 0.08 0.81
C HIS B 185 -15.58 -0.03 1.70
N TYR B 186 -16.73 0.43 1.19
CA TYR B 186 -18.00 0.30 1.90
C TYR B 186 -19.15 -0.04 0.92
N GLU B 187 -20.23 -0.59 1.49
CA GLU B 187 -21.50 -0.97 0.85
C GLU B 187 -22.59 0.02 1.29
N GLY B 188 -23.58 0.25 0.43
CA GLY B 188 -24.75 1.06 0.74
C GLY B 188 -24.44 2.50 1.05
N ASN B 189 -25.22 3.10 1.94
CA ASN B 189 -25.01 4.52 2.26
C ASN B 189 -24.73 4.69 3.72
N PHE B 190 -24.09 5.80 4.03
CA PHE B 190 -23.76 6.21 5.39
C PHE B 190 -25.04 6.63 6.12
N HIS B 191 -25.06 6.36 7.41
CA HIS B 191 -26.07 6.83 8.33
C HIS B 191 -25.20 7.54 9.33
N TYR B 192 -25.62 8.72 9.77
CA TYR B 192 -24.86 9.58 10.66
C TYR B 192 -25.45 9.71 12.04
N ILE B 193 -24.56 9.90 13.01
CA ILE B 193 -24.86 10.12 14.43
C ILE B 193 -24.15 11.41 14.79
N ASN B 194 -24.89 12.37 15.30
CA ASN B 194 -24.35 13.68 15.65
C ASN B 194 -23.52 13.58 16.90
N LEU B 195 -22.48 14.41 16.99
CA LEU B 195 -21.65 14.50 18.19
C LEU B 195 -22.49 15.12 19.30
N ILE B 196 -22.30 14.66 20.53
CA ILE B 196 -22.98 15.22 21.69
C ILE B 196 -22.59 16.73 21.77
N LYS B 197 -21.30 17.02 21.59
CA LYS B 197 -20.72 18.35 21.58
C LYS B 197 -19.47 18.35 20.74
N THR B 198 -19.15 19.52 20.17
CA THR B 198 -17.92 19.73 19.41
C THR B 198 -16.72 19.55 20.39
N GLY B 199 -15.57 19.23 19.86
CA GLY B 199 -14.38 19.09 20.67
C GLY B 199 -13.89 17.69 20.96
N VAL B 200 -14.76 16.65 20.76
CA VAL B 200 -14.48 15.23 21.00
C VAL B 200 -15.33 14.36 20.03
N TRP B 201 -14.71 13.31 19.41
CA TRP B 201 -15.44 12.40 18.50
C TRP B 201 -16.19 11.39 19.35
N GLN B 202 -17.19 11.90 20.06
CA GLN B 202 -17.97 11.13 21.02
C GLN B 202 -19.46 11.32 20.79
N ILE B 203 -20.16 10.19 20.71
CA ILE B 203 -21.58 10.15 20.38
C ILE B 203 -22.37 9.47 21.52
N GLN B 204 -23.70 9.67 21.51
CA GLN B 204 -24.59 9.05 22.48
C GLN B 204 -24.82 7.61 22.05
N MET B 205 -24.77 6.68 23.01
CA MET B 205 -25.09 5.27 22.76
C MET B 205 -26.38 4.93 23.55
N LYS B 206 -27.38 4.39 22.86
CA LYS B 206 -28.67 4.10 23.49
C LYS B 206 -28.86 2.70 24.01
N GLY B 207 -27.82 1.88 23.99
CA GLY B 207 -27.88 0.52 24.51
C GLY B 207 -26.97 -0.48 23.83
N VAL B 208 -26.52 -1.48 24.60
CA VAL B 208 -25.66 -2.57 24.12
C VAL B 208 -26.40 -3.90 24.32
N SER B 209 -26.68 -4.60 23.21
CA SER B 209 -27.40 -5.88 23.22
C SER B 209 -26.49 -7.07 23.01
N VAL B 210 -26.75 -8.15 23.75
CA VAL B 210 -26.07 -9.45 23.67
C VAL B 210 -27.21 -10.39 23.22
N GLY B 211 -27.23 -10.68 21.93
CA GLY B 211 -28.29 -11.45 21.30
C GLY B 211 -29.44 -10.52 20.94
N SER B 212 -30.64 -10.80 21.45
CA SER B 212 -31.86 -10.01 21.20
C SER B 212 -32.14 -8.99 22.33
N SER B 213 -31.71 -9.33 23.56
CA SER B 213 -31.92 -8.54 24.78
C SER B 213 -30.87 -7.46 25.03
N THR B 214 -31.33 -6.21 25.29
CA THR B 214 -30.47 -5.07 25.61
C THR B 214 -29.99 -5.23 27.06
N LEU B 215 -28.86 -5.89 27.24
CA LEU B 215 -28.27 -6.16 28.53
C LEU B 215 -27.65 -4.92 29.18
N LEU B 216 -26.96 -4.08 28.39
CA LEU B 216 -26.22 -2.94 28.94
C LEU B 216 -26.59 -1.59 28.33
N CYS B 217 -26.15 -0.49 29.00
CA CYS B 217 -26.30 0.89 28.52
C CYS B 217 -27.82 1.24 28.26
N GLU B 218 -28.72 0.58 29.04
CA GLU B 218 -30.19 0.71 28.98
C GLU B 218 -30.66 2.16 29.17
N ASP B 219 -30.03 2.89 30.11
CA ASP B 219 -30.37 4.31 30.38
C ASP B 219 -29.48 5.28 29.58
N GLY B 220 -28.80 4.76 28.55
CA GLY B 220 -27.90 5.54 27.71
C GLY B 220 -26.49 5.65 28.26
N CYS B 221 -25.52 5.81 27.35
CA CYS B 221 -24.12 5.98 27.71
C CYS B 221 -23.35 6.65 26.58
N LEU B 222 -22.04 6.82 26.76
CA LEU B 222 -21.18 7.50 25.80
C LEU B 222 -20.36 6.52 24.99
N ALA B 223 -20.08 6.90 23.73
CA ALA B 223 -19.26 6.12 22.82
C ALA B 223 -18.26 7.02 22.10
N LEU B 224 -16.99 6.84 22.46
CA LEU B 224 -15.87 7.56 21.84
C LEU B 224 -15.48 6.76 20.56
N VAL B 225 -15.55 7.38 19.37
CA VAL B 225 -15.20 6.66 18.14
C VAL B 225 -13.71 6.95 17.94
N ASP B 226 -12.88 5.99 18.35
CA ASP B 226 -11.43 6.10 18.48
C ASP B 226 -10.62 5.20 17.56
N THR B 227 -10.04 5.81 16.52
CA THR B 227 -9.22 5.12 15.53
C THR B 227 -7.87 4.63 16.09
N GLY B 228 -7.42 5.29 17.17
CA GLY B 228 -6.17 4.96 17.85
C GLY B 228 -6.30 3.84 18.86
N ALA B 229 -7.54 3.39 19.15
CA ALA B 229 -7.80 2.30 20.08
C ALA B 229 -7.93 1.00 19.27
N SER B 230 -7.33 -0.09 19.77
CA SER B 230 -7.30 -1.39 19.10
C SER B 230 -8.63 -2.14 19.18
N TYR B 231 -9.30 -2.01 20.31
CA TYR B 231 -10.49 -2.81 20.60
C TYR B 231 -11.71 -1.99 20.84
N ILE B 232 -12.81 -2.69 21.17
CA ILE B 232 -14.02 -2.07 21.66
C ILE B 232 -13.80 -2.15 23.18
N SER B 233 -14.01 -1.04 23.86
CA SER B 233 -13.85 -1.02 25.28
C SER B 233 -15.03 -0.38 25.96
N GLY B 234 -15.30 -0.87 27.14
CA GLY B 234 -16.26 -0.34 28.08
C GLY B 234 -15.55 -0.27 29.41
N SER B 235 -16.23 0.22 30.45
CA SER B 235 -15.70 0.29 31.81
C SER B 235 -15.47 -1.13 32.33
N THR B 236 -14.60 -1.31 33.35
CA THR B 236 -14.36 -2.62 33.97
C THR B 236 -15.67 -3.33 34.32
N SER B 237 -16.65 -2.56 34.84
CA SER B 237 -17.96 -3.03 35.27
C SER B 237 -18.82 -3.52 34.11
N SER B 238 -18.92 -2.73 33.03
CA SER B 238 -19.70 -3.07 31.82
C SER B 238 -19.13 -4.32 31.17
N ILE B 239 -17.80 -4.37 31.04
CA ILE B 239 -17.07 -5.50 30.46
C ILE B 239 -17.26 -6.80 31.27
N GLU B 240 -17.26 -6.70 32.61
CA GLU B 240 -17.53 -7.88 33.45
C GLU B 240 -18.93 -8.45 33.16
N LYS B 241 -19.97 -7.59 33.08
CA LYS B 241 -21.36 -8.01 32.78
C LYS B 241 -21.40 -8.64 31.39
N LEU B 242 -20.88 -7.92 30.37
CA LEU B 242 -20.79 -8.37 28.98
C LEU B 242 -20.14 -9.74 28.86
N MET B 243 -19.00 -9.94 29.52
CA MET B 243 -18.27 -11.22 29.48
C MET B 243 -18.98 -12.39 30.15
N GLU B 244 -19.68 -12.12 31.26
CA GLU B 244 -20.49 -13.09 32.00
C GLU B 244 -21.58 -13.62 31.04
N ALA B 245 -22.26 -12.71 30.34
CA ALA B 245 -23.29 -13.01 29.33
C ALA B 245 -22.75 -13.83 28.14
N LEU B 246 -21.47 -13.63 27.76
CA LEU B 246 -20.83 -14.36 26.65
C LEU B 246 -20.28 -15.73 27.10
N GLY B 247 -20.03 -15.87 28.40
CA GLY B 247 -19.45 -17.09 28.94
C GLY B 247 -17.94 -17.11 28.82
N ALA B 248 -17.35 -15.94 28.50
CA ALA B 248 -15.91 -15.70 28.39
C ALA B 248 -15.40 -15.51 29.80
N LYS B 249 -14.19 -16.01 30.06
CA LYS B 249 -13.58 -15.94 31.38
C LYS B 249 -12.22 -15.30 31.26
N LYS B 250 -11.78 -14.62 32.31
CA LYS B 250 -10.48 -13.96 32.32
C LYS B 250 -9.38 -14.97 32.70
N ARG B 251 -8.37 -15.20 31.82
CA ARG B 251 -7.32 -16.12 32.24
C ARG B 251 -6.36 -15.48 33.23
N LEU B 252 -5.33 -14.78 32.75
CA LEU B 252 -4.43 -14.07 33.65
C LEU B 252 -4.53 -12.60 33.35
N PHE B 253 -4.51 -12.26 32.08
CA PHE B 253 -4.56 -10.87 31.66
C PHE B 253 -5.82 -10.55 30.90
N ASP B 254 -6.28 -11.47 30.01
CA ASP B 254 -7.43 -11.26 29.13
C ASP B 254 -8.56 -12.28 29.21
N TYR B 255 -9.73 -11.91 28.61
CA TYR B 255 -10.94 -12.69 28.50
C TYR B 255 -10.82 -13.65 27.31
N VAL B 256 -11.08 -14.92 27.57
CA VAL B 256 -10.95 -15.96 26.56
C VAL B 256 -12.18 -16.86 26.54
N VAL B 257 -12.34 -17.59 25.43
CA VAL B 257 -13.35 -18.62 25.23
C VAL B 257 -12.60 -19.79 24.59
N LYS B 258 -13.20 -21.00 24.63
CA LYS B 258 -12.63 -22.17 23.95
C LYS B 258 -12.77 -21.82 22.45
N CYS B 259 -11.67 -21.94 21.65
CA CYS B 259 -11.69 -21.60 20.23
C CYS B 259 -12.86 -22.20 19.43
N ASN B 260 -13.23 -23.46 19.73
CA ASN B 260 -14.32 -24.12 19.00
C ASN B 260 -15.68 -23.52 19.30
N GLU B 261 -15.84 -22.90 20.48
CA GLU B 261 -17.07 -22.32 20.97
C GLU B 261 -17.37 -20.92 20.47
N GLY B 262 -16.32 -20.23 20.03
CA GLY B 262 -16.38 -18.89 19.43
C GLY B 262 -17.53 -18.76 18.46
N PRO B 263 -17.69 -19.67 17.45
CA PRO B 263 -18.83 -19.52 16.52
C PRO B 263 -20.24 -19.59 17.14
N THR B 264 -20.37 -20.02 18.39
CA THR B 264 -21.65 -20.15 19.10
C THR B 264 -22.00 -18.92 19.93
N LEU B 265 -21.06 -17.95 20.06
CA LEU B 265 -21.27 -16.77 20.87
C LEU B 265 -22.32 -15.84 20.22
N PRO B 266 -23.17 -15.17 21.02
CA PRO B 266 -24.19 -14.31 20.42
C PRO B 266 -23.62 -13.04 19.76
N ASP B 267 -24.46 -12.40 18.95
CA ASP B 267 -24.16 -11.14 18.29
C ASP B 267 -24.17 -10.05 19.35
N ILE B 268 -23.33 -9.03 19.17
CA ILE B 268 -23.29 -7.88 20.06
C ILE B 268 -23.70 -6.70 19.21
N SER B 269 -24.73 -5.98 19.67
CA SER B 269 -25.29 -4.84 18.97
C SER B 269 -25.06 -3.55 19.73
N PHE B 270 -24.79 -2.48 19.01
CA PHE B 270 -24.57 -1.15 19.57
C PHE B 270 -25.63 -0.24 18.95
N HIS B 271 -26.55 0.28 19.81
CA HIS B 271 -27.62 1.19 19.39
C HIS B 271 -27.06 2.63 19.26
N LEU B 272 -26.86 3.08 18.03
CA LEU B 272 -26.32 4.40 17.73
C LEU B 272 -27.21 5.07 16.67
N GLY B 273 -27.74 6.25 17.00
CA GLY B 273 -28.59 7.03 16.12
C GLY B 273 -29.81 6.28 15.60
N GLY B 274 -30.49 5.59 16.52
CA GLY B 274 -31.69 4.82 16.19
C GLY B 274 -31.50 3.56 15.37
N LYS B 275 -30.24 3.23 14.96
CA LYS B 275 -29.86 2.04 14.17
C LYS B 275 -29.09 1.07 15.07
N GLU B 276 -29.06 -0.20 14.68
CA GLU B 276 -28.35 -1.23 15.42
C GLU B 276 -27.10 -1.65 14.64
N TYR B 277 -25.92 -1.46 15.26
CA TYR B 277 -24.62 -1.84 14.68
C TYR B 277 -24.18 -3.15 15.31
N THR B 278 -24.38 -4.22 14.54
CA THR B 278 -24.15 -5.58 14.98
C THR B 278 -22.82 -6.19 14.58
N LEU B 279 -22.17 -6.80 15.56
CA LEU B 279 -20.96 -7.57 15.38
C LEU B 279 -21.30 -9.02 15.71
N THR B 280 -20.95 -9.97 14.81
CA THR B 280 -21.11 -11.41 15.08
C THR B 280 -19.84 -11.85 15.80
N SER B 281 -19.82 -13.09 16.33
CA SER B 281 -18.61 -13.60 17.02
C SER B 281 -17.34 -13.58 16.14
N ALA B 282 -17.49 -13.77 14.82
CA ALA B 282 -16.40 -13.72 13.84
C ALA B 282 -15.75 -12.32 13.79
N ASP B 283 -16.50 -11.28 14.17
CA ASP B 283 -16.04 -9.89 14.19
C ASP B 283 -15.34 -9.51 15.49
N TYR B 284 -15.53 -10.29 16.57
CA TYR B 284 -14.93 -9.95 17.85
C TYR B 284 -14.13 -11.06 18.54
N VAL B 285 -14.03 -12.25 17.91
CA VAL B 285 -13.22 -13.34 18.47
C VAL B 285 -11.97 -13.46 17.62
N PHE B 286 -10.79 -13.41 18.26
CA PHE B 286 -9.54 -13.58 17.54
C PHE B 286 -9.43 -15.10 17.37
N GLN B 287 -10.02 -15.57 16.30
CA GLN B 287 -10.21 -16.95 15.95
C GLN B 287 -8.93 -17.56 15.35
N GLU B 288 -7.84 -17.59 16.17
CA GLU B 288 -6.50 -18.13 15.84
C GLU B 288 -6.59 -19.60 15.40
N SER B 289 -7.63 -20.31 15.89
CA SER B 289 -8.01 -21.67 15.56
C SER B 289 -9.46 -21.82 15.93
N TYR B 290 -10.02 -22.99 15.63
CA TYR B 290 -11.39 -23.38 15.95
C TYR B 290 -11.27 -24.69 16.72
N SER B 291 -10.09 -24.89 17.35
CA SER B 291 -9.74 -26.04 18.16
C SER B 291 -10.44 -26.06 19.51
N SER B 292 -11.01 -27.23 19.86
CA SER B 292 -11.65 -27.51 21.16
C SER B 292 -10.58 -27.63 22.29
N LYS B 293 -9.30 -27.73 21.92
CA LYS B 293 -8.15 -27.88 22.81
C LYS B 293 -7.37 -26.57 23.03
N LYS B 294 -7.91 -25.43 22.57
CA LYS B 294 -7.25 -24.13 22.67
C LYS B 294 -8.20 -23.01 23.09
N LEU B 295 -7.61 -21.94 23.66
CA LEU B 295 -8.29 -20.73 24.11
C LEU B 295 -8.06 -19.58 23.15
N CYS B 296 -9.14 -18.84 22.84
CA CYS B 296 -9.13 -17.72 21.90
C CYS B 296 -9.49 -16.40 22.59
N THR B 297 -8.69 -15.36 22.38
CA THR B 297 -8.94 -14.04 22.98
C THR B 297 -10.05 -13.27 22.25
N LEU B 298 -10.67 -12.30 22.95
CA LEU B 298 -11.71 -11.44 22.36
C LEU B 298 -11.13 -10.03 22.04
N ALA B 299 -11.68 -9.34 21.05
CA ALA B 299 -11.24 -8.01 20.62
C ALA B 299 -12.05 -6.91 21.32
N ILE B 300 -12.46 -7.19 22.57
CA ILE B 300 -13.21 -6.34 23.50
C ILE B 300 -12.49 -6.42 24.84
N HIS B 301 -12.11 -5.26 25.39
CA HIS B 301 -11.35 -5.14 26.63
C HIS B 301 -11.94 -4.11 27.60
N ALA B 302 -11.61 -4.21 28.89
CA ALA B 302 -12.04 -3.22 29.87
C ALA B 302 -11.08 -2.03 29.76
N MET B 303 -11.62 -0.82 29.82
CA MET B 303 -10.82 0.40 29.76
C MET B 303 -11.57 1.49 30.50
N ASP B 304 -11.02 1.90 31.63
CA ASP B 304 -11.60 2.96 32.43
C ASP B 304 -10.98 4.27 31.97
N ILE B 305 -11.71 4.96 31.08
CA ILE B 305 -11.27 6.24 30.51
C ILE B 305 -11.61 7.31 31.54
N PRO B 306 -10.61 8.11 31.97
CA PRO B 306 -10.88 9.09 33.04
C PRO B 306 -11.68 10.31 32.60
N PRO B 307 -12.38 11.02 33.52
CA PRO B 307 -13.07 12.26 33.13
C PRO B 307 -12.06 13.34 32.69
N PRO B 308 -12.43 14.35 31.87
CA PRO B 308 -13.78 14.67 31.35
C PRO B 308 -14.37 13.75 30.27
N THR B 309 -13.52 13.16 29.39
CA THR B 309 -13.94 12.26 28.29
C THR B 309 -14.72 11.02 28.78
N GLY B 310 -14.19 10.37 29.81
CA GLY B 310 -14.81 9.19 30.40
C GLY B 310 -15.60 9.48 31.66
N PRO B 311 -16.28 8.48 32.27
CA PRO B 311 -16.43 7.08 31.83
C PRO B 311 -17.13 7.01 30.47
N THR B 312 -16.56 6.20 29.56
CA THR B 312 -17.09 6.04 28.21
C THR B 312 -16.71 4.69 27.61
N TRP B 313 -17.49 4.26 26.60
CA TRP B 313 -17.14 3.14 25.75
C TRP B 313 -16.24 3.74 24.67
N ALA B 314 -15.39 2.92 24.08
CA ALA B 314 -14.57 3.34 22.96
C ALA B 314 -14.79 2.31 21.87
N LEU B 315 -15.10 2.80 20.68
CA LEU B 315 -15.34 1.95 19.51
C LEU B 315 -14.10 2.11 18.67
N GLY B 316 -13.18 1.17 18.84
CA GLY B 316 -11.89 1.18 18.16
C GLY B 316 -11.84 0.31 16.94
N ALA B 317 -10.62 -0.18 16.61
CA ALA B 317 -10.34 -1.01 15.45
C ALA B 317 -11.34 -2.14 15.23
N THR B 318 -11.78 -2.87 16.31
CA THR B 318 -12.76 -3.96 16.22
C THR B 318 -14.06 -3.51 15.55
N PHE B 319 -14.54 -2.30 15.91
CA PHE B 319 -15.75 -1.68 15.36
C PHE B 319 -15.55 -1.16 13.96
N ILE B 320 -14.46 -0.41 13.69
CA ILE B 320 -14.11 0.17 12.38
C ILE B 320 -13.88 -0.89 11.30
N ARG B 321 -13.39 -2.08 11.68
CA ARG B 321 -13.21 -3.20 10.74
C ARG B 321 -14.54 -3.60 10.12
N LYS B 322 -15.63 -3.63 10.92
CA LYS B 322 -16.99 -3.93 10.43
C LYS B 322 -17.63 -2.73 9.76
N PHE B 323 -17.48 -1.55 10.37
CA PHE B 323 -18.08 -0.32 9.87
C PHE B 323 -17.10 0.73 9.42
N TYR B 324 -17.06 0.97 8.10
CA TYR B 324 -16.27 2.02 7.47
C TYR B 324 -16.80 3.34 8.09
N THR B 325 -15.89 4.19 8.58
CA THR B 325 -16.21 5.42 9.34
C THR B 325 -15.78 6.72 8.67
N GLU B 326 -16.71 7.66 8.58
CA GLU B 326 -16.49 9.00 8.07
C GLU B 326 -16.65 9.98 9.23
N PHE B 327 -15.60 10.79 9.45
CA PHE B 327 -15.61 11.81 10.52
C PHE B 327 -15.87 13.15 9.85
N ASP B 328 -17.06 13.73 10.10
CA ASP B 328 -17.55 14.97 9.47
C ASP B 328 -17.35 16.20 10.37
N ARG B 329 -16.36 17.02 10.01
CA ARG B 329 -16.08 18.25 10.75
C ARG B 329 -17.08 19.36 10.48
N ARG B 330 -17.55 19.46 9.25
CA ARG B 330 -18.53 20.46 8.83
C ARG B 330 -19.81 20.40 9.67
N ASN B 331 -20.36 19.18 9.86
CA ASN B 331 -21.63 18.98 10.54
C ASN B 331 -21.58 18.40 11.96
N ASN B 332 -20.36 18.19 12.51
CA ASN B 332 -20.09 17.59 13.83
C ASN B 332 -20.83 16.28 14.00
N ARG B 333 -20.51 15.34 13.11
CA ARG B 333 -21.14 14.02 13.11
C ARG B 333 -20.19 12.95 12.60
N ILE B 334 -20.55 11.69 12.83
CA ILE B 334 -19.82 10.50 12.40
C ILE B 334 -20.77 9.62 11.57
N GLY B 335 -20.34 9.25 10.38
CA GLY B 335 -21.07 8.37 9.50
C GLY B 335 -20.50 6.97 9.48
N PHE B 336 -21.39 5.97 9.47
CA PHE B 336 -21.04 4.56 9.40
C PHE B 336 -21.70 3.89 8.22
N ALA B 337 -20.97 3.02 7.56
CA ALA B 337 -21.48 2.22 6.45
C ALA B 337 -20.78 0.89 6.57
N LEU B 338 -21.39 -0.18 6.05
CA LEU B 338 -20.82 -1.51 6.13
C LEU B 338 -19.55 -1.61 5.28
N ALA B 339 -18.43 -2.00 5.91
CA ALA B 339 -17.14 -2.10 5.21
C ALA B 339 -17.06 -3.30 4.25
N ARG B 340 -16.25 -3.15 3.17
CA ARG B 340 -15.94 -4.12 2.11
C ARG B 340 -14.40 -4.29 1.98
C1 NAG C . 10.01 -10.59 -42.19
C2 NAG C . 10.27 -10.56 -43.70
C3 NAG C . 11.36 -9.54 -44.05
C4 NAG C . 11.01 -8.18 -43.46
C5 NAG C . 10.81 -8.31 -41.95
C6 NAG C . 10.42 -7.01 -41.28
C7 NAG C . 9.76 -12.61 -44.99
C8 NAG C . 10.29 -13.94 -45.45
N2 NAG C . 10.62 -11.87 -44.25
O3 NAG C . 11.45 -9.43 -45.48
O4 NAG C . 12.04 -7.24 -43.73
O5 NAG C . 9.78 -9.28 -41.68
O6 NAG C . 10.40 -7.10 -39.85
O7 NAG C . 8.62 -12.24 -45.25
C1 0MJ D . 9.05 -12.54 -15.77
O2 0MJ D . 9.77 -14.82 -17.36
C3 0MJ D . 9.20 -12.45 -17.30
C4 0MJ D . 8.62 -13.97 -15.38
C5 0MJ D . 9.60 -13.60 -18.01
C6 0MJ D . 9.02 -15.06 -16.20
C7 0MJ D . 10.44 -12.21 -15.12
C8 0MJ D . 7.84 -14.24 -14.23
C9 0MJ D . 8.98 -11.23 -17.97
C10 0MJ D . 9.75 -13.55 -19.40
C11 0MJ D . 8.62 -16.39 -15.88
C12 0MJ D . 9.17 -11.15 -19.35
C13 0MJ D . 7.46 -15.57 -13.92
C14 0MJ D . 9.54 -12.33 -20.05
C15 0MJ D . 7.85 -16.65 -14.73
N16 0MJ D . 11.08 -10.99 -15.63
C17 0MJ D . 12.16 -10.93 -16.48
C18 0MJ D . 12.63 -9.57 -16.97
C19 0MJ D . 13.89 -9.64 -17.90
C20 0MJ D . 13.17 -7.43 -19.02
N21 0MJ D . 11.99 -7.40 -18.12
C22 0MJ D . 14.32 -8.19 -18.30
C23 0MJ D . 11.51 -8.73 -17.66
O24 0MJ D . 12.76 -11.94 -16.87
N25 0MJ D . 15.53 -8.22 -19.10
S26 0MJ D . 16.99 -7.66 -18.60
O27 0MJ D . 17.48 -6.71 -19.60
O28 0MJ D . 16.89 -7.19 -17.23
C29 0MJ D . 17.92 -9.18 -18.64
C30 0MJ D . 18.07 -9.89 -19.85
C31 0MJ D . 19.45 -11.55 -18.71
C32 0MJ D . 19.30 -10.83 -17.51
C33 0MJ D . 18.83 -11.08 -19.89
C34 0MJ D . 18.55 -9.65 -17.47
C35 0MJ D . 20.27 -12.85 -18.74
S SO4 E . 5.47 -8.79 -14.31
O1 SO4 E . 5.76 -7.88 -13.13
O2 SO4 E . 5.67 -8.05 -15.54
O3 SO4 E . 6.38 -9.98 -14.31
O4 SO4 E . 4.06 -9.19 -14.34
S SO4 F . 5.21 -6.57 -0.93
O1 SO4 F . 4.81 -6.41 0.47
O2 SO4 F . 4.91 -5.33 -1.65
O3 SO4 F . 4.46 -7.70 -1.49
O4 SO4 F . 6.65 -6.85 -1.03
C1 NAG G . 5.57 28.25 20.08
C2 NAG G . 5.89 29.70 20.45
C3 NAG G . 4.76 30.16 21.37
C4 NAG G . 3.41 30.04 20.67
C5 NAG G . 3.20 28.61 20.17
C6 NAG G . 1.98 28.44 19.29
C7 NAG G . 8.26 30.37 20.59
C8 NAG G . 9.51 30.31 21.42
N2 NAG G . 7.18 29.79 21.13
O3 NAG G . 4.99 31.51 21.77
O4 NAG G . 2.35 30.40 21.55
O5 NAG G . 4.32 28.19 19.38
O6 NAG G . 0.77 28.78 19.98
O7 NAG G . 8.23 30.91 19.49
C1 0MJ H . -1.96 2.82 20.97
O2 0MJ H . 0.29 3.81 22.54
C3 0MJ H . -1.56 4.31 20.99
C4 0MJ H . -0.70 1.97 21.21
C5 0MJ H . -0.46 4.74 21.81
C6 0MJ H . 0.35 2.50 22.00
C7 0MJ H . -2.99 2.54 22.12
C8 0MJ H . -0.61 0.67 20.67
C9 0MJ H . -2.27 5.26 20.26
C10 0MJ H . -0.07 6.07 21.84
C11 0MJ H . 1.52 1.74 22.23
C12 0MJ H . -1.91 6.61 20.34
C13 0MJ H . 0.54 -0.09 20.91
C14 0MJ H . -0.79 7.00 21.10
C15 0MJ H . 1.59 0.45 21.69
N16 0MJ H . -4.11 3.50 22.14
C17 0MJ H . -4.25 4.51 23.07
C18 0MJ H . -5.44 5.43 22.91
C19 0MJ H . -5.52 6.51 24.05
C20 0MJ H . -6.74 8.11 22.47
N21 0MJ H . -6.64 7.08 21.40
C22 0MJ H . -6.80 7.38 23.86
C23 0MJ H . -5.49 6.15 21.53
O24 0MJ H . -3.49 4.70 24.01
N25 0MJ H . -7.01 8.26 24.99
S26 0MJ H . -8.23 8.06 26.08
O27 0MJ H . -8.89 9.34 26.16
O28 0MJ H . -9.09 6.92 25.75
C29 0MJ H . -7.32 7.66 27.56
C30 0MJ H . -6.33 8.55 28.04
C31 0MJ H . -5.89 7.06 29.94
C32 0MJ H . -6.89 6.17 29.46
C33 0MJ H . -5.61 8.25 29.22
C34 0MJ H . -7.60 6.47 28.27
C35 0MJ H . -5.10 6.74 31.21
S SO4 I . -4.24 1.85 16.28
O1 SO4 I . -3.44 1.41 17.47
O2 SO4 I . -4.39 3.24 16.41
O3 SO4 I . -3.53 1.66 15.02
O4 SO4 I . -5.60 1.21 16.21
#